data_4M3V
# 
_entry.id   4M3V 
# 
_audit_conform.dict_name       mmcif_pdbx.dic 
_audit_conform.dict_version    5.387 
_audit_conform.dict_location   http://mmcif.pdb.org/dictionaries/ascii/mmcif_pdbx.dic 
# 
loop_
_database_2.database_id 
_database_2.database_code 
_database_2.pdbx_database_accession 
_database_2.pdbx_DOI 
PDB   4M3V         pdb_00004m3v 10.2210/pdb4m3v/pdb 
NDB   NA2722       ?            ?                   
RCSB  RCSB081432   ?            ?                   
WWPDB D_1000081432 ?            ?                   
# 
loop_
_pdbx_audit_revision_history.ordinal 
_pdbx_audit_revision_history.data_content_type 
_pdbx_audit_revision_history.major_revision 
_pdbx_audit_revision_history.minor_revision 
_pdbx_audit_revision_history.revision_date 
1 'Structure model' 1 0 2014-09-17 
2 'Structure model' 1 1 2024-02-28 
# 
_pdbx_audit_revision_details.ordinal             1 
_pdbx_audit_revision_details.revision_ordinal    1 
_pdbx_audit_revision_details.data_content_type   'Structure model' 
_pdbx_audit_revision_details.provider            repository 
_pdbx_audit_revision_details.type                'Initial release' 
_pdbx_audit_revision_details.description         ? 
_pdbx_audit_revision_details.details             ? 
# 
loop_
_pdbx_audit_revision_group.ordinal 
_pdbx_audit_revision_group.revision_ordinal 
_pdbx_audit_revision_group.data_content_type 
_pdbx_audit_revision_group.group 
1 2 'Structure model' 'Data collection'      
2 2 'Structure model' 'Database references'  
3 2 'Structure model' 'Derived calculations' 
# 
loop_
_pdbx_audit_revision_category.ordinal 
_pdbx_audit_revision_category.revision_ordinal 
_pdbx_audit_revision_category.data_content_type 
_pdbx_audit_revision_category.category 
1 2 'Structure model' chem_comp_atom         
2 2 'Structure model' chem_comp_bond         
3 2 'Structure model' database_2             
4 2 'Structure model' pdbx_struct_conn_angle 
5 2 'Structure model' struct_conn            
6 2 'Structure model' struct_site            
# 
loop_
_pdbx_audit_revision_item.ordinal 
_pdbx_audit_revision_item.revision_ordinal 
_pdbx_audit_revision_item.data_content_type 
_pdbx_audit_revision_item.item 
1  2 'Structure model' '_database_2.pdbx_DOI'                        
2  2 'Structure model' '_database_2.pdbx_database_accession'         
3  2 'Structure model' '_pdbx_struct_conn_angle.ptnr1_auth_comp_id'  
4  2 'Structure model' '_pdbx_struct_conn_angle.ptnr1_auth_seq_id'   
5  2 'Structure model' '_pdbx_struct_conn_angle.ptnr1_label_atom_id' 
6  2 'Structure model' '_pdbx_struct_conn_angle.ptnr1_label_comp_id' 
7  2 'Structure model' '_pdbx_struct_conn_angle.ptnr1_label_seq_id'  
8  2 'Structure model' '_pdbx_struct_conn_angle.ptnr3_auth_comp_id'  
9  2 'Structure model' '_pdbx_struct_conn_angle.ptnr3_auth_seq_id'   
10 2 'Structure model' '_pdbx_struct_conn_angle.ptnr3_label_atom_id' 
11 2 'Structure model' '_pdbx_struct_conn_angle.ptnr3_label_comp_id' 
12 2 'Structure model' '_pdbx_struct_conn_angle.ptnr3_label_seq_id'  
13 2 'Structure model' '_struct_conn.pdbx_dist_value'                
14 2 'Structure model' '_struct_conn.ptnr1_auth_comp_id'             
15 2 'Structure model' '_struct_conn.ptnr1_auth_seq_id'              
16 2 'Structure model' '_struct_conn.ptnr1_label_atom_id'            
17 2 'Structure model' '_struct_conn.ptnr1_label_comp_id'            
18 2 'Structure model' '_struct_conn.ptnr1_label_seq_id'             
19 2 'Structure model' '_struct_site.pdbx_auth_asym_id'              
20 2 'Structure model' '_struct_site.pdbx_auth_comp_id'              
21 2 'Structure model' '_struct_site.pdbx_auth_seq_id'               
# 
_database_PDB_caveat.id     1 
_database_PDB_caveat.text   'Close contacts involving N8 of RML A 102' 
# 
_pdbx_database_status.status_code                     REL 
_pdbx_database_status.entry_id                        4M3V 
_pdbx_database_status.recvd_initial_deposition_date   2013-08-06 
_pdbx_database_status.deposit_site                    RCSB 
_pdbx_database_status.process_site                    RCSB 
_pdbx_database_status.status_code_sf                  REL 
_pdbx_database_status.status_code_mr                  ? 
_pdbx_database_status.SG_entry                        ? 
_pdbx_database_status.status_code_cs                  ? 
_pdbx_database_status.methods_development_category    ? 
_pdbx_database_status.pdb_format_compatible           Y 
_pdbx_database_status.status_code_nmr_data            ? 
# 
loop_
_pdbx_database_related.db_name 
_pdbx_database_related.db_id 
_pdbx_database_related.details 
_pdbx_database_related.content_type 
PDB 3UYA 'X-ray crystal structure of the ruthenium complex [Ru(tap)2(dppz)]2+ bound to d(CCGGTACCGG)'                   
unspecified 
PDB 3UYB 'X-ray crystal structure of the ruthenium complex [Ru(tap)2(dppz)]2+ bound to d(TCGGTACCGA)'                   
unspecified 
PDB 3U38 'Intercalation of lambda-[Ru(phen)2(dppz)]2+ into d(CCGGTACCGG)2'                                              
unspecified 
PDB 4E7Y 'Lambda-[Ru(phen)2(dppz)]2+ Bound to CCGGATCCGG'                                                               
unspecified 
PDB 3QRN 'X-ray crystal structure of the ruthenium complex [Ru(tap)2(dppz)]2+ bound to d(TCGGCGCCGA)at high resolution' 
unspecified 
# 
loop_
_audit_author.name 
_audit_author.pdbx_ordinal 
'Niyazi, H.'   1 
'Teixeira, S.' 2 
'Mitchell, E.' 3 
'Forsyth, T.'  4 
'Cardin, C.'   5 
# 
_citation.id                        primary 
_citation.title                     
'X-ray crystal structure of the ruthenium complex [Ru(Tap)2(dppz-{Me2})]2+ bound to d(TCGGTACCGA)' 
_citation.journal_abbrev            'To be Published' 
_citation.journal_volume            ? 
_citation.page_first                ? 
_citation.page_last                 ? 
_citation.year                      ? 
_citation.journal_id_ASTM           ? 
_citation.country                   ? 
_citation.journal_id_ISSN           ? 
_citation.journal_id_CSD            0353 
_citation.book_publisher            ? 
_citation.pdbx_database_id_PubMed   ? 
_citation.pdbx_database_id_DOI      ? 
# 
loop_
_citation_author.citation_id 
_citation_author.name 
_citation_author.ordinal 
_citation_author.identifier_ORCID 
primary 'Niyazi, H.'   1 ? 
primary 'Teixeira, S.' 2 ? 
primary 'Mitchell, E.' 3 ? 
primary 'Forsyth, T.'  4 ? 
primary 'Cardin, C.'   5 ? 
# 
loop_
_entity.id 
_entity.type 
_entity.src_method 
_entity.pdbx_description 
_entity.formula_weight 
_entity.pdbx_number_of_molecules 
_entity.pdbx_ec 
_entity.pdbx_mutation 
_entity.pdbx_fragment 
_entity.details 
1 polymer     syn 'DNA decamer sequence' 3045.005 1  ? ? ? ? 
2 non-polymer syn 
"(11,12-dimethyldipyrido[3,2-a:2',3'-c]phenazine-kappa~2~N~4~,N~5~)[bis(pyrazino[2,3-f]quinoxaline-kappa~2~N~1~,N~10~)]ruthenium(2+)" 
775.785  2  ? ? ? ? 
3 non-polymer syn 'BARIUM ION' 137.327  1  ? ? ? ? 
4 water       nat water 18.015   12 ? ? ? ? 
# 
_entity_poly.entity_id                      1 
_entity_poly.type                           polydeoxyribonucleotide 
_entity_poly.nstd_linkage                   no 
_entity_poly.nstd_monomer                   no 
_entity_poly.pdbx_seq_one_letter_code       '(DT)(DC)(DG)(DG)(DT)(DA)(DC)(DC)(DG)(DA)' 
_entity_poly.pdbx_seq_one_letter_code_can   TCGGTACCGA 
_entity_poly.pdbx_strand_id                 A 
_entity_poly.pdbx_target_identifier         ? 
# 
loop_
_pdbx_entity_nonpoly.entity_id 
_pdbx_entity_nonpoly.name 
_pdbx_entity_nonpoly.comp_id 
2 
"(11,12-dimethyldipyrido[3,2-a:2',3'-c]phenazine-kappa~2~N~4~,N~5~)[bis(pyrazino[2,3-f]quinoxaline-kappa~2~N~1~,N~10~)]ruthenium(2+)" 
RML 
3 'BARIUM ION' BA  
4 water HOH 
# 
loop_
_entity_poly_seq.entity_id 
_entity_poly_seq.num 
_entity_poly_seq.mon_id 
_entity_poly_seq.hetero 
1 1  DT n 
1 2  DC n 
1 3  DG n 
1 4  DG n 
1 5  DT n 
1 6  DA n 
1 7  DC n 
1 8  DC n 
1 9  DG n 
1 10 DA n 
# 
_pdbx_entity_src_syn.entity_id              1 
_pdbx_entity_src_syn.pdbx_src_id            1 
_pdbx_entity_src_syn.pdbx_alt_source_flag   sample 
_pdbx_entity_src_syn.pdbx_beg_seq_num       ? 
_pdbx_entity_src_syn.pdbx_end_seq_num       ? 
_pdbx_entity_src_syn.organism_scientific    ? 
_pdbx_entity_src_syn.organism_common_name   ? 
_pdbx_entity_src_syn.ncbi_taxonomy_id       ? 
_pdbx_entity_src_syn.details                'Laboratory Prepared Synthetic Construct' 
# 
loop_
_chem_comp.id 
_chem_comp.type 
_chem_comp.mon_nstd_flag 
_chem_comp.name 
_chem_comp.pdbx_synonyms 
_chem_comp.formula 
_chem_comp.formula_weight 
BA  non-polymer   . 'BARIUM ION' ?                                                                                'Ba 2' 137.327 
DA  'DNA linking' y "2'-DEOXYADENOSINE-5'-MONOPHOSPHATE" ? 'C10 H14 N5 O6 P'  331.222 
DC  'DNA linking' y "2'-DEOXYCYTIDINE-5'-MONOPHOSPHATE" ? 'C9 H14 N3 O7 P'   307.197 
DG  'DNA linking' y "2'-DEOXYGUANOSINE-5'-MONOPHOSPHATE" ? 'C10 H14 N5 O7 P'  347.221 
DT  'DNA linking' y "THYMIDINE-5'-MONOPHOSPHATE" ?                                                                                
'C10 H15 N2 O8 P'  322.208 
HOH non-polymer   . WATER ?                                                                                'H2 O'             
18.015  
RML non-polymer   . 
"(11,12-dimethyldipyrido[3,2-a:2',3'-c]phenazine-kappa~2~N~4~,N~5~)[bis(pyrazino[2,3-f]quinoxaline-kappa~2~N~1~,N~10~)]ruthenium(2+)" 
'Lambda-[Ru(1,4,5,8-tetraazaphenanthrene)2(11,12-dimethyl-dipyridophenazine)]2+' 'C40 H26 N12 Ru 2' 775.785 
# 
loop_
_pdbx_poly_seq_scheme.asym_id 
_pdbx_poly_seq_scheme.entity_id 
_pdbx_poly_seq_scheme.seq_id 
_pdbx_poly_seq_scheme.mon_id 
_pdbx_poly_seq_scheme.ndb_seq_num 
_pdbx_poly_seq_scheme.pdb_seq_num 
_pdbx_poly_seq_scheme.auth_seq_num 
_pdbx_poly_seq_scheme.pdb_mon_id 
_pdbx_poly_seq_scheme.auth_mon_id 
_pdbx_poly_seq_scheme.pdb_strand_id 
_pdbx_poly_seq_scheme.pdb_ins_code 
_pdbx_poly_seq_scheme.hetero 
A 1 1  DT 1  1  1  DT DT A . n 
A 1 2  DC 2  2  2  DC DC A . n 
A 1 3  DG 3  3  3  DG DG A . n 
A 1 4  DG 4  4  4  DG DG A . n 
A 1 5  DT 5  5  5  DT DT A . n 
A 1 6  DA 6  6  6  DA DA A . n 
A 1 7  DC 7  7  7  DC DC A . n 
A 1 8  DC 8  8  8  DC DC A . n 
A 1 9  DG 9  9  9  DG DG A . n 
A 1 10 DA 10 10 10 DA DA A . n 
# 
loop_
_pdbx_nonpoly_scheme.asym_id 
_pdbx_nonpoly_scheme.entity_id 
_pdbx_nonpoly_scheme.mon_id 
_pdbx_nonpoly_scheme.ndb_seq_num 
_pdbx_nonpoly_scheme.pdb_seq_num 
_pdbx_nonpoly_scheme.auth_seq_num 
_pdbx_nonpoly_scheme.pdb_mon_id 
_pdbx_nonpoly_scheme.auth_mon_id 
_pdbx_nonpoly_scheme.pdb_strand_id 
_pdbx_nonpoly_scheme.pdb_ins_code 
B 2 RML 1  101 11 RML RML A . 
C 2 RML 1  102 12 RML RML A . 
D 3 BA  1  103 13 BA  BA  A . 
E 4 HOH 1  201 2  HOH HOH A . 
E 4 HOH 2  202 3  HOH HOH A . 
E 4 HOH 3  203 7  HOH HOH A . 
E 4 HOH 4  204 9  HOH HOH A . 
E 4 HOH 5  205 12 HOH HOH A . 
E 4 HOH 6  206 13 HOH HOH A . 
E 4 HOH 7  207 14 HOH HOH A . 
E 4 HOH 8  208 15 HOH HOH A . 
E 4 HOH 9  209 18 HOH HOH A . 
E 4 HOH 10 210 19 HOH HOH A . 
E 4 HOH 11 211 23 HOH HOH A . 
E 4 HOH 12 212 24 HOH HOH A . 
# 
loop_
_pdbx_unobs_or_zero_occ_atoms.id 
_pdbx_unobs_or_zero_occ_atoms.PDB_model_num 
_pdbx_unobs_or_zero_occ_atoms.polymer_flag 
_pdbx_unobs_or_zero_occ_atoms.occupancy_flag 
_pdbx_unobs_or_zero_occ_atoms.auth_asym_id 
_pdbx_unobs_or_zero_occ_atoms.auth_comp_id 
_pdbx_unobs_or_zero_occ_atoms.auth_seq_id 
_pdbx_unobs_or_zero_occ_atoms.PDB_ins_code 
_pdbx_unobs_or_zero_occ_atoms.auth_atom_id 
_pdbx_unobs_or_zero_occ_atoms.label_alt_id 
_pdbx_unobs_or_zero_occ_atoms.label_asym_id 
_pdbx_unobs_or_zero_occ_atoms.label_comp_id 
_pdbx_unobs_or_zero_occ_atoms.label_seq_id 
_pdbx_unobs_or_zero_occ_atoms.label_atom_id 
1 1 Y 1 A DT 1  ? "O5'" ? A DT 1  "O5'" 
2 1 Y 1 A DT 1  ? "C5'" ? A DT 1  "C5'" 
3 1 Y 1 A DA 10 ? "C5'" ? A DA 10 "C5'" 
4 1 Y 1 A DA 10 ? "C4'" ? A DA 10 "C4'" 
5 1 Y 1 A DA 10 ? "O4'" ? A DA 10 "O4'" 
6 1 Y 1 A DA 10 ? "C3'" ? A DA 10 "C3'" 
7 1 Y 1 A DA 10 ? "O3'" ? A DA 10 "O3'" 
8 1 Y 1 A DA 10 ? "C2'" ? A DA 10 "C2'" 
9 1 Y 1 A DA 10 ? "C1'" ? A DA 10 "C1'" 
# 
loop_
_software.name 
_software.classification 
_software.version 
_software.citation_id 
_software.pdbx_ordinal 
MxCuBE 'data collection' .        ? 1 
SHELXS phasing           .        ? 2 
REFMAC refinement        5.7.0029 ? 3 
MOSFLM 'data reduction'  .        ? 4 
SCALA  'data scaling'    .        ? 5 
# 
_cell.entry_id           4M3V 
_cell.length_a           52.220 
_cell.length_b           52.220 
_cell.length_c           34.520 
_cell.angle_alpha        90.00 
_cell.angle_beta         90.00 
_cell.angle_gamma        90.00 
_cell.Z_PDB              8 
_cell.pdbx_unique_axis   ? 
_cell.length_a_esd       ? 
_cell.length_b_esd       ? 
_cell.length_c_esd       ? 
_cell.angle_alpha_esd    ? 
_cell.angle_beta_esd     ? 
_cell.angle_gamma_esd    ? 
# 
_symmetry.entry_id                         4M3V 
_symmetry.space_group_name_H-M             'P 43 21 2' 
_symmetry.pdbx_full_space_group_name_H-M   ? 
_symmetry.cell_setting                     ? 
_symmetry.Int_Tables_number                96 
_symmetry.space_group_name_Hall            ? 
# 
_exptl.entry_id          4M3V 
_exptl.method            'X-RAY DIFFRACTION' 
_exptl.crystals_number   1 
# 
_exptl_crystal.id                    1 
_exptl_crystal.density_meas          ? 
_exptl_crystal.density_Matthews      3.86 
_exptl_crystal.density_percent_sol   68.17 
_exptl_crystal.description           ? 
_exptl_crystal.F_000                 ? 
_exptl_crystal.preparation           ? 
# 
_exptl_crystal_grow.crystal_id      1 
_exptl_crystal_grow.method          'VAPOR DIFFUSION, SITTING DROP' 
_exptl_crystal_grow.temp            293 
_exptl_crystal_grow.temp_details    ? 
_exptl_crystal_grow.pH              7.0 
_exptl_crystal_grow.pdbx_details    
;10ul drop containing: 1ul of 4mM lambda-[Ru(TAP)2(dppz-{Me2})]2+; 1ul of 1mM d(TCGGTACCGA)2, and a 8ul solution containing 12mM spermine, 10% 2-methyl-2,4-pentanediol, 40mM sodium cacodylate pH 7.0, 80mM NaCl and 20mM BaCl2. This was equilibrated against a 1ml reservoir of 35% 2-methyl-2,4-pantanediol., VAPOR DIFFUSION, SITTING DROP, temperature 293K
;
_exptl_crystal_grow.pdbx_pH_range   ? 
# 
_diffrn.id                     1 
_diffrn.ambient_temp           100 
_diffrn.ambient_temp_details   ? 
_diffrn.crystal_id             1 
# 
_diffrn_detector.diffrn_id              1 
_diffrn_detector.detector               CCD 
_diffrn_detector.type                   'ADSC QUANTUM 315r' 
_diffrn_detector.pdbx_collection_date   2012-07-10 
_diffrn_detector.details                ? 
# 
_diffrn_radiation.diffrn_id                        1 
_diffrn_radiation.wavelength_id                    1 
_diffrn_radiation.pdbx_monochromatic_or_laue_m_l   M 
_diffrn_radiation.monochromator                    'Si(111)' 
_diffrn_radiation.pdbx_diffrn_protocol             MAD 
_diffrn_radiation.pdbx_scattering_type             x-ray 
# 
loop_
_diffrn_radiation_wavelength.id 
_diffrn_radiation_wavelength.wavelength 
_diffrn_radiation_wavelength.wt 
1 0.97630 1.0 
2 1.65310 1.0 
# 
_diffrn_source.diffrn_id                   1 
_diffrn_source.source                      SYNCHROTRON 
_diffrn_source.type                        'ESRF BEAMLINE ID23-1' 
_diffrn_source.pdbx_synchrotron_site       ESRF 
_diffrn_source.pdbx_synchrotron_beamline   ID23-1 
_diffrn_source.pdbx_wavelength             ? 
_diffrn_source.pdbx_wavelength_list        '0.97630, 1.65310' 
# 
_reflns.entry_id                     4M3V 
_reflns.observed_criterion_sigma_I   2.0 
_reflns.observed_criterion_sigma_F   ? 
_reflns.d_resolution_low             36.93 
_reflns.d_resolution_high            1.86 
_reflns.number_obs                   ? 
_reflns.number_all                   ? 
_reflns.percent_possible_obs         ? 
_reflns.pdbx_Rmerge_I_obs            ? 
_reflns.pdbx_Rsym_value              ? 
_reflns.pdbx_netI_over_sigmaI        ? 
_reflns.B_iso_Wilson_estimate        ? 
_reflns.pdbx_redundancy              ? 
_reflns.R_free_details               ? 
_reflns.limit_h_max                  ? 
_reflns.limit_h_min                  ? 
_reflns.limit_k_max                  ? 
_reflns.limit_k_min                  ? 
_reflns.limit_l_max                  ? 
_reflns.limit_l_min                  ? 
_reflns.observed_criterion_F_max     ? 
_reflns.observed_criterion_F_min     ? 
_reflns.pdbx_chi_squared             ? 
_reflns.pdbx_scaling_rejects         ? 
_reflns.pdbx_ordinal                 1 
_reflns.pdbx_diffrn_id               1 
# 
_refine.entry_id                                 4M3V 
_refine.pdbx_diffrn_id                           1 
_refine.pdbx_TLS_residual_ADP_flag               ? 
_refine.ls_number_reflns_obs                     3048 
_refine.ls_number_reflns_all                     ? 
_refine.pdbx_ls_sigma_I                          ? 
_refine.pdbx_ls_sigma_F                          . 
_refine.pdbx_data_cutoff_high_absF               ? 
_refine.pdbx_data_cutoff_low_absF                ? 
_refine.pdbx_data_cutoff_high_rms_absF           ? 
_refine.ls_d_res_low                             36.93 
_refine.ls_d_res_high                            2.05 
_refine.ls_percent_reflns_obs                    97.82 
_refine.ls_R_factor_obs                          0.24806 
_refine.ls_R_factor_all                          ? 
_refine.ls_R_factor_R_work                       0.24498 
_refine.ls_R_factor_R_free                       0.32103 
_refine.ls_R_factor_R_free_error                 ? 
_refine.ls_R_factor_R_free_error_details         ? 
_refine.ls_percent_reflns_R_free                 4.3 
_refine.ls_number_reflns_R_free                  138 
_refine.ls_number_parameters                     ? 
_refine.ls_number_restraints                     ? 
_refine.occupancy_min                            ? 
_refine.occupancy_max                            ? 
_refine.correlation_coeff_Fo_to_Fc               0.929 
_refine.correlation_coeff_Fo_to_Fc_free          0.889 
_refine.B_iso_mean                               44.423 
_refine.aniso_B[1][1]                            0.86 
_refine.aniso_B[2][2]                            0.86 
_refine.aniso_B[3][3]                            -1.72 
_refine.aniso_B[1][2]                            0.00 
_refine.aniso_B[1][3]                            0.00 
_refine.aniso_B[2][3]                            0.00 
_refine.solvent_model_details                    MASK 
_refine.solvent_model_param_ksol                 ? 
_refine.solvent_model_param_bsol                 ? 
_refine.pdbx_solvent_vdw_probe_radii             1.20 
_refine.pdbx_solvent_ion_probe_radii             0.80 
_refine.pdbx_solvent_shrinkage_radii             0.80 
_refine.pdbx_ls_cross_valid_method               THROUGHOUT 
_refine.details                                  'HYDROGENS HAVE BEEN ADDED IN THE RIDING POSITIONS' 
_refine.pdbx_starting_model                      ? 
_refine.pdbx_method_to_determine_struct          ? 
_refine.pdbx_isotropic_thermal_model             ? 
_refine.pdbx_stereochemistry_target_values       'MAXIMUM LIKELIHOOD' 
_refine.pdbx_stereochem_target_val_spec_case     ? 
_refine.pdbx_R_Free_selection_details            RANDOM 
_refine.pdbx_overall_ESU_R                       0.214 
_refine.pdbx_overall_ESU_R_Free                  0.216 
_refine.overall_SU_ML                            0.139 
_refine.pdbx_overall_phase_error                 ? 
_refine.overall_SU_B                             5.178 
_refine.overall_SU_R_Cruickshank_DPI             ? 
_refine.pdbx_overall_SU_R_free_Cruickshank_DPI   ? 
_refine.pdbx_overall_SU_R_Blow_DPI               ? 
_refine.pdbx_overall_SU_R_free_Blow_DPI          ? 
_refine.ls_redundancy_reflns_obs                 ? 
_refine.overall_SU_R_free                        ? 
_refine.ls_wR_factor_R_free                      ? 
_refine.ls_wR_factor_R_work                      ? 
_refine.overall_FOM_free_R_set                   ? 
_refine.overall_FOM_work_R_set                   ? 
_refine.pdbx_refine_id                           'X-RAY DIFFRACTION' 
# 
_refine_hist.pdbx_refine_id                   'X-RAY DIFFRACTION' 
_refine_hist.cycle_id                         LAST 
_refine_hist.pdbx_number_atoms_protein        0 
_refine_hist.pdbx_number_atoms_nucleic_acid   193 
_refine_hist.pdbx_number_atoms_ligand         107 
_refine_hist.number_atoms_solvent             12 
_refine_hist.number_atoms_total               312 
_refine_hist.d_res_high                       2.05 
_refine_hist.d_res_low                        36.93 
# 
loop_
_refine_ls_restr.type 
_refine_ls_restr.dev_ideal 
_refine_ls_restr.dev_ideal_target 
_refine_ls_restr.weight 
_refine_ls_restr.number 
_refine_ls_restr.pdbx_refine_id 
_refine_ls_restr.pdbx_restraint_function 
r_bond_refined_d             0.022 0.014 ? 347 'X-RAY DIFFRACTION' ? 
r_bond_other_d               0.003 0.020 ? 157 'X-RAY DIFFRACTION' ? 
r_angle_refined_deg          2.184 1.900 ? 555 'X-RAY DIFFRACTION' ? 
r_angle_other_deg            2.923 3.000 ? 351 'X-RAY DIFFRACTION' ? 
r_dihedral_angle_1_deg       ?     ?     ? ?   'X-RAY DIFFRACTION' ? 
r_dihedral_angle_2_deg       ?     ?     ? ?   'X-RAY DIFFRACTION' ? 
r_dihedral_angle_3_deg       ?     ?     ? ?   'X-RAY DIFFRACTION' ? 
r_dihedral_angle_4_deg       ?     ?     ? ?   'X-RAY DIFFRACTION' ? 
r_chiral_restr               0.151 0.200 ? 32  'X-RAY DIFFRACTION' ? 
r_gen_planes_refined         0.021 0.020 ? 230 'X-RAY DIFFRACTION' ? 
r_gen_planes_other           0.005 0.020 ? 92  'X-RAY DIFFRACTION' ? 
r_nbd_refined                ?     ?     ? ?   'X-RAY DIFFRACTION' ? 
r_nbd_other                  ?     ?     ? ?   'X-RAY DIFFRACTION' ? 
r_nbtor_refined              ?     ?     ? ?   'X-RAY DIFFRACTION' ? 
r_nbtor_other                ?     ?     ? ?   'X-RAY DIFFRACTION' ? 
r_xyhbond_nbd_refined        ?     ?     ? ?   'X-RAY DIFFRACTION' ? 
r_xyhbond_nbd_other          ?     ?     ? ?   'X-RAY DIFFRACTION' ? 
r_metal_ion_refined          ?     ?     ? ?   'X-RAY DIFFRACTION' ? 
r_metal_ion_other            ?     ?     ? ?   'X-RAY DIFFRACTION' ? 
r_symmetry_vdw_refined       ?     ?     ? ?   'X-RAY DIFFRACTION' ? 
r_symmetry_vdw_other         ?     ?     ? ?   'X-RAY DIFFRACTION' ? 
r_symmetry_hbond_refined     ?     ?     ? ?   'X-RAY DIFFRACTION' ? 
r_symmetry_hbond_other       ?     ?     ? ?   'X-RAY DIFFRACTION' ? 
r_symmetry_metal_ion_refined ?     ?     ? ?   'X-RAY DIFFRACTION' ? 
r_symmetry_metal_ion_other   ?     ?     ? ?   'X-RAY DIFFRACTION' ? 
r_mcbond_it                  ?     ?     ? ?   'X-RAY DIFFRACTION' ? 
r_mcbond_other               ?     ?     ? ?   'X-RAY DIFFRACTION' ? 
r_mcangle_it                 ?     ?     ? ?   'X-RAY DIFFRACTION' ? 
r_mcangle_other              ?     ?     ? ?   'X-RAY DIFFRACTION' ? 
r_scbond_it                  ?     ?     ? ?   'X-RAY DIFFRACTION' ? 
r_scbond_other               ?     ?     ? ?   'X-RAY DIFFRACTION' ? 
r_scangle_it                 ?     ?     ? ?   'X-RAY DIFFRACTION' ? 
r_scangle_other              ?     ?     ? ?   'X-RAY DIFFRACTION' ? 
r_long_range_B_refined       ?     ?     ? ?   'X-RAY DIFFRACTION' ? 
r_long_range_B_other         ?     ?     ? ?   'X-RAY DIFFRACTION' ? 
r_rigid_bond_restr           ?     ?     ? ?   'X-RAY DIFFRACTION' ? 
r_sphericity_free            ?     ?     ? ?   'X-RAY DIFFRACTION' ? 
r_sphericity_bonded          ?     ?     ? ?   'X-RAY DIFFRACTION' ? 
# 
_refine_ls_shell.pdbx_refine_id                   'X-RAY DIFFRACTION' 
_refine_ls_shell.pdbx_total_number_of_bins_used   20 
_refine_ls_shell.d_res_high                       2.052 
_refine_ls_shell.d_res_low                        2.106 
_refine_ls_shell.number_reflns_R_work             205 
_refine_ls_shell.R_factor_R_work                  0.288 
_refine_ls_shell.percent_reflns_obs               93.01 
_refine_ls_shell.R_factor_R_free                  0.348 
_refine_ls_shell.R_factor_R_free_error            ? 
_refine_ls_shell.percent_reflns_R_free            ? 
_refine_ls_shell.number_reflns_R_free             8 
_refine_ls_shell.number_reflns_all                ? 
_refine_ls_shell.R_factor_all                     ? 
_refine_ls_shell.redundancy_reflns_obs            ? 
_refine_ls_shell.number_reflns_obs                ? 
# 
_struct.entry_id                  4M3V 
_struct.title                     
'X-ray crystal structure of the ruthenium complex [Ru(Tap)2(dppz-{Me2})]2+ bound to d(TCGGTACCGA)' 
_struct.pdbx_model_details        ? 
_struct.pdbx_CASP_flag            ? 
_struct.pdbx_model_type_details   ? 
# 
_struct_keywords.entry_id        4M3V 
_struct_keywords.pdbx_keywords   DNA 
_struct_keywords.text            
'Minor-groove, semi-intercalation, intercalation, bending, kinking, symmetrical intercalation, DNA light-switch compound, DNA' 
# 
loop_
_struct_asym.id 
_struct_asym.pdbx_blank_PDB_chainid_flag 
_struct_asym.pdbx_modified 
_struct_asym.entity_id 
_struct_asym.details 
A N N 1 ? 
B N N 2 ? 
C N N 2 ? 
D N N 3 ? 
E N N 4 ? 
# 
_struct_ref.id                         1 
_struct_ref.db_name                    PDB 
_struct_ref.db_code                    4M3V 
_struct_ref.pdbx_db_accession          4M3V 
_struct_ref.entity_id                  1 
_struct_ref.pdbx_align_begin           ? 
_struct_ref.pdbx_seq_one_letter_code   TCGGTACCGA 
_struct_ref.pdbx_db_isoform            ? 
# 
_struct_ref_seq.align_id                      1 
_struct_ref_seq.ref_id                        1 
_struct_ref_seq.pdbx_PDB_id_code              4M3V 
_struct_ref_seq.pdbx_strand_id                A 
_struct_ref_seq.seq_align_beg                 1 
_struct_ref_seq.pdbx_seq_align_beg_ins_code   ? 
_struct_ref_seq.seq_align_end                 10 
_struct_ref_seq.pdbx_seq_align_end_ins_code   ? 
_struct_ref_seq.pdbx_db_accession             4M3V 
_struct_ref_seq.db_align_beg                  1 
_struct_ref_seq.pdbx_db_align_beg_ins_code    ? 
_struct_ref_seq.db_align_end                  10 
_struct_ref_seq.pdbx_db_align_end_ins_code    ? 
_struct_ref_seq.pdbx_auth_seq_align_beg       1 
_struct_ref_seq.pdbx_auth_seq_align_end       10 
# 
_pdbx_struct_assembly.id                   1 
_pdbx_struct_assembly.details              author_and_software_defined_assembly 
_pdbx_struct_assembly.method_details       PISA 
_pdbx_struct_assembly.oligomeric_details   dimeric 
_pdbx_struct_assembly.oligomeric_count     2 
# 
loop_
_pdbx_struct_assembly_prop.biol_id 
_pdbx_struct_assembly_prop.type 
_pdbx_struct_assembly_prop.value 
_pdbx_struct_assembly_prop.details 
1 'ABSA (A^2)' 900  ? 
1 MORE         -5   ? 
1 'SSA (A^2)'  4550 ? 
# 
_pdbx_struct_assembly_gen.assembly_id       1 
_pdbx_struct_assembly_gen.oper_expression   1,2 
_pdbx_struct_assembly_gen.asym_id_list      A,B,C,D,E 
# 
loop_
_pdbx_struct_oper_list.id 
_pdbx_struct_oper_list.type 
_pdbx_struct_oper_list.name 
_pdbx_struct_oper_list.symmetry_operation 
_pdbx_struct_oper_list.matrix[1][1] 
_pdbx_struct_oper_list.matrix[1][2] 
_pdbx_struct_oper_list.matrix[1][3] 
_pdbx_struct_oper_list.vector[1] 
_pdbx_struct_oper_list.matrix[2][1] 
_pdbx_struct_oper_list.matrix[2][2] 
_pdbx_struct_oper_list.matrix[2][3] 
_pdbx_struct_oper_list.vector[2] 
_pdbx_struct_oper_list.matrix[3][1] 
_pdbx_struct_oper_list.matrix[3][2] 
_pdbx_struct_oper_list.matrix[3][3] 
_pdbx_struct_oper_list.vector[3] 
1 'identity operation'         1_555 x,y,z  1.0000000000  0.0000000000 0.0000000000 0.0000000000  0.0000000000 1.0000000000  0.0000000000 0.0000000000 0.0000000000 0.0000000000 1.0000000000 0.0000000000 
2 'crystal symmetry operation' 7_555 y,x,-z -0.6315691885 0.0159052969 0.7751563595 -2.6850796818 0.0159052969 -0.9993133623 0.0334637920 5.5188615949 0.7751563595 0.0334637920 0.6308825509 1.1629743378 
# 
_struct_biol.id        1 
_struct_biol.details   ? 
# 
loop_
_struct_conn.id 
_struct_conn.conn_type_id 
_struct_conn.pdbx_leaving_atom_flag 
_struct_conn.pdbx_PDB_id 
_struct_conn.ptnr1_label_asym_id 
_struct_conn.ptnr1_label_comp_id 
_struct_conn.ptnr1_label_seq_id 
_struct_conn.ptnr1_label_atom_id 
_struct_conn.pdbx_ptnr1_label_alt_id 
_struct_conn.pdbx_ptnr1_PDB_ins_code 
_struct_conn.pdbx_ptnr1_standard_comp_id 
_struct_conn.ptnr1_symmetry 
_struct_conn.ptnr2_label_asym_id 
_struct_conn.ptnr2_label_comp_id 
_struct_conn.ptnr2_label_seq_id 
_struct_conn.ptnr2_label_atom_id 
_struct_conn.pdbx_ptnr2_label_alt_id 
_struct_conn.pdbx_ptnr2_PDB_ins_code 
_struct_conn.ptnr1_auth_asym_id 
_struct_conn.ptnr1_auth_comp_id 
_struct_conn.ptnr1_auth_seq_id 
_struct_conn.ptnr2_auth_asym_id 
_struct_conn.ptnr2_auth_comp_id 
_struct_conn.ptnr2_auth_seq_id 
_struct_conn.ptnr2_symmetry 
_struct_conn.pdbx_ptnr3_label_atom_id 
_struct_conn.pdbx_ptnr3_label_seq_id 
_struct_conn.pdbx_ptnr3_label_comp_id 
_struct_conn.pdbx_ptnr3_label_asym_id 
_struct_conn.pdbx_ptnr3_label_alt_id 
_struct_conn.pdbx_ptnr3_PDB_ins_code 
_struct_conn.details 
_struct_conn.pdbx_dist_value 
_struct_conn.pdbx_value_order 
_struct_conn.pdbx_role 
metalc1  metalc ? ? A DG 4  O6 ? ? ? 1_555 D BA .  BA ? ? A DG 4  A BA 103 1_555 ? ? ? ? ? ? ?            2.966 ? ? 
metalc2  metalc ? ? A DT 5  O4 ? ? ? 1_555 D BA .  BA ? ? A DT 5  A BA 103 1_555 ? ? ? ? ? ? ?            2.939 ? ? 
hydrog1  hydrog ? ? A DT 1  N3 ? ? ? 1_555 A DA 10 N1 ? ? A DT 1  A DA 10  7_555 ? ? ? ? ? ? WATSON-CRICK ?     ? ? 
hydrog2  hydrog ? ? A DT 1  O4 ? ? ? 1_555 A DA 10 N6 ? ? A DT 1  A DA 10  7_555 ? ? ? ? ? ? WATSON-CRICK ?     ? ? 
hydrog3  hydrog ? ? A DC 2  N3 ? ? ? 1_555 A DG 9  N1 ? ? A DC 2  A DG 9   7_555 ? ? ? ? ? ? WATSON-CRICK ?     ? ? 
hydrog4  hydrog ? ? A DC 2  N4 ? ? ? 1_555 A DG 9  O6 ? ? A DC 2  A DG 9   7_555 ? ? ? ? ? ? WATSON-CRICK ?     ? ? 
hydrog5  hydrog ? ? A DC 2  O2 ? ? ? 1_555 A DG 9  N2 ? ? A DC 2  A DG 9   7_555 ? ? ? ? ? ? WATSON-CRICK ?     ? ? 
hydrog6  hydrog ? ? A DG 3  N1 ? ? ? 1_555 A DC 8  N3 ? ? A DG 3  A DC 8   7_555 ? ? ? ? ? ? WATSON-CRICK ?     ? ? 
hydrog7  hydrog ? ? A DG 3  N2 ? ? ? 1_555 A DC 8  O2 ? ? A DG 3  A DC 8   7_555 ? ? ? ? ? ? WATSON-CRICK ?     ? ? 
hydrog8  hydrog ? ? A DG 3  O6 ? ? ? 1_555 A DC 8  N4 ? ? A DG 3  A DC 8   7_555 ? ? ? ? ? ? WATSON-CRICK ?     ? ? 
hydrog9  hydrog ? ? A DG 4  N1 ? ? ? 1_555 A DC 7  N3 ? ? A DG 4  A DC 7   7_555 ? ? ? ? ? ? WATSON-CRICK ?     ? ? 
hydrog10 hydrog ? ? A DG 4  N2 ? ? ? 1_555 A DC 7  O2 ? ? A DG 4  A DC 7   7_555 ? ? ? ? ? ? WATSON-CRICK ?     ? ? 
hydrog11 hydrog ? ? A DG 4  O6 ? ? ? 1_555 A DC 7  N4 ? ? A DG 4  A DC 7   7_555 ? ? ? ? ? ? WATSON-CRICK ?     ? ? 
hydrog12 hydrog ? ? A DT 5  N3 ? ? ? 1_555 A DA 6  N1 ? ? A DT 5  A DA 6   7_555 ? ? ? ? ? ? WATSON-CRICK ?     ? ? 
hydrog13 hydrog ? ? A DT 5  O4 ? ? ? 1_555 A DA 6  N6 ? ? A DT 5  A DA 6   7_555 ? ? ? ? ? ? WATSON-CRICK ?     ? ? 
hydrog14 hydrog ? ? A DA 6  N1 ? ? ? 1_555 A DT 5  N3 ? ? A DA 6  A DT 5   7_555 ? ? ? ? ? ? WATSON-CRICK ?     ? ? 
hydrog15 hydrog ? ? A DA 6  N6 ? ? ? 1_555 A DT 5  O4 ? ? A DA 6  A DT 5   7_555 ? ? ? ? ? ? WATSON-CRICK ?     ? ? 
hydrog16 hydrog ? ? A DC 7  N3 ? ? ? 1_555 A DG 4  N1 ? ? A DC 7  A DG 4   7_555 ? ? ? ? ? ? WATSON-CRICK ?     ? ? 
hydrog17 hydrog ? ? A DC 7  N4 ? ? ? 1_555 A DG 4  O6 ? ? A DC 7  A DG 4   7_555 ? ? ? ? ? ? WATSON-CRICK ?     ? ? 
hydrog18 hydrog ? ? A DC 7  O2 ? ? ? 1_555 A DG 4  N2 ? ? A DC 7  A DG 4   7_555 ? ? ? ? ? ? WATSON-CRICK ?     ? ? 
hydrog19 hydrog ? ? A DC 8  N3 ? ? ? 1_555 A DG 3  N1 ? ? A DC 8  A DG 3   7_555 ? ? ? ? ? ? WATSON-CRICK ?     ? ? 
hydrog20 hydrog ? ? A DC 8  N4 ? ? ? 1_555 A DG 3  O6 ? ? A DC 8  A DG 3   7_555 ? ? ? ? ? ? WATSON-CRICK ?     ? ? 
hydrog21 hydrog ? ? A DC 8  O2 ? ? ? 1_555 A DG 3  N2 ? ? A DC 8  A DG 3   7_555 ? ? ? ? ? ? WATSON-CRICK ?     ? ? 
hydrog22 hydrog ? ? A DG 9  N1 ? ? ? 1_555 A DC 2  N3 ? ? A DG 9  A DC 2   7_555 ? ? ? ? ? ? WATSON-CRICK ?     ? ? 
hydrog23 hydrog ? ? A DG 9  N2 ? ? ? 1_555 A DC 2  O2 ? ? A DG 9  A DC 2   7_555 ? ? ? ? ? ? WATSON-CRICK ?     ? ? 
hydrog24 hydrog ? ? A DG 9  O6 ? ? ? 1_555 A DC 2  N4 ? ? A DG 9  A DC 2   7_555 ? ? ? ? ? ? WATSON-CRICK ?     ? ? 
hydrog25 hydrog ? ? A DA 10 N1 ? ? ? 1_555 A DT 1  N3 ? ? A DA 10 A DT 1   7_555 ? ? ? ? ? ? WATSON-CRICK ?     ? ? 
hydrog26 hydrog ? ? A DA 10 N6 ? ? ? 1_555 A DT 1  O4 ? ? A DA 10 A DT 1   7_555 ? ? ? ? ? ? WATSON-CRICK ?     ? ? 
# 
loop_
_struct_conn_type.id 
_struct_conn_type.criteria 
_struct_conn_type.reference 
metalc ? ? 
hydrog ? ? 
# 
_pdbx_struct_conn_angle.id                    1 
_pdbx_struct_conn_angle.ptnr1_label_atom_id   O6 
_pdbx_struct_conn_angle.ptnr1_label_alt_id    ? 
_pdbx_struct_conn_angle.ptnr1_label_asym_id   A 
_pdbx_struct_conn_angle.ptnr1_label_comp_id   DG 
_pdbx_struct_conn_angle.ptnr1_label_seq_id    4 
_pdbx_struct_conn_angle.ptnr1_auth_atom_id    ? 
_pdbx_struct_conn_angle.ptnr1_auth_asym_id    A 
_pdbx_struct_conn_angle.ptnr1_auth_comp_id    DG 
_pdbx_struct_conn_angle.ptnr1_auth_seq_id     4 
_pdbx_struct_conn_angle.ptnr1_PDB_ins_code    ? 
_pdbx_struct_conn_angle.ptnr1_symmetry        1_555 
_pdbx_struct_conn_angle.ptnr2_label_atom_id   BA 
_pdbx_struct_conn_angle.ptnr2_label_alt_id    ? 
_pdbx_struct_conn_angle.ptnr2_label_asym_id   D 
_pdbx_struct_conn_angle.ptnr2_label_comp_id   BA 
_pdbx_struct_conn_angle.ptnr2_label_seq_id    . 
_pdbx_struct_conn_angle.ptnr2_auth_atom_id    ? 
_pdbx_struct_conn_angle.ptnr2_auth_asym_id    A 
_pdbx_struct_conn_angle.ptnr2_auth_comp_id    BA 
_pdbx_struct_conn_angle.ptnr2_auth_seq_id     103 
_pdbx_struct_conn_angle.ptnr2_PDB_ins_code    ? 
_pdbx_struct_conn_angle.ptnr2_symmetry        1_555 
_pdbx_struct_conn_angle.ptnr3_label_atom_id   O4 
_pdbx_struct_conn_angle.ptnr3_label_alt_id    ? 
_pdbx_struct_conn_angle.ptnr3_label_asym_id   A 
_pdbx_struct_conn_angle.ptnr3_label_comp_id   DT 
_pdbx_struct_conn_angle.ptnr3_label_seq_id    5 
_pdbx_struct_conn_angle.ptnr3_auth_atom_id    ? 
_pdbx_struct_conn_angle.ptnr3_auth_asym_id    A 
_pdbx_struct_conn_angle.ptnr3_auth_comp_id    DT 
_pdbx_struct_conn_angle.ptnr3_auth_seq_id     5 
_pdbx_struct_conn_angle.ptnr3_PDB_ins_code    ? 
_pdbx_struct_conn_angle.ptnr3_symmetry        1_555 
_pdbx_struct_conn_angle.value                 70.8 
_pdbx_struct_conn_angle.value_esd             ? 
# 
loop_
_struct_site.id 
_struct_site.pdbx_evidence_code 
_struct_site.pdbx_auth_asym_id 
_struct_site.pdbx_auth_comp_id 
_struct_site.pdbx_auth_seq_id 
_struct_site.pdbx_auth_ins_code 
_struct_site.pdbx_num_residues 
_struct_site.details 
AC1 Software A RML 101 ? 9 'BINDING SITE FOR RESIDUE RML A 101' 
AC2 Software A RML 102 ? 7 'BINDING SITE FOR RESIDUE RML A 102' 
AC3 Software A BA  103 ? 3 'BINDING SITE FOR RESIDUE BA A 103'  
# 
loop_
_struct_site_gen.id 
_struct_site_gen.site_id 
_struct_site_gen.pdbx_num_res 
_struct_site_gen.label_comp_id 
_struct_site_gen.label_asym_id 
_struct_site_gen.label_seq_id 
_struct_site_gen.pdbx_auth_ins_code 
_struct_site_gen.auth_comp_id 
_struct_site_gen.auth_asym_id 
_struct_site_gen.auth_seq_id 
_struct_site_gen.label_atom_id 
_struct_site_gen.label_alt_id 
_struct_site_gen.symmetry 
_struct_site_gen.details 
1  AC1 9 DT A 1  ? DT A 1  . ? 3_654 ? 
2  AC1 9 DC A 2  ? DC A 2  . ? 3_654 ? 
3  AC1 9 DG A 3  ? DG A 3  . ? 3_654 ? 
4  AC1 9 DG A 3  ? DG A 3  . ? 1_555 ? 
5  AC1 9 DG A 4  ? DG A 4  . ? 1_555 ? 
6  AC1 9 DC A 7  ? DC A 7  . ? 7_555 ? 
7  AC1 9 DC A 8  ? DC A 8  . ? 7_555 ? 
8  AC1 9 DG A 9  ? DG A 9  . ? 5_654 ? 
9  AC1 9 DA A 10 ? DA A 10 . ? 5_654 ? 
10 AC2 7 DT A 1  ? DT A 1  . ? 6_565 ? 
11 AC2 7 DC A 2  ? DC A 2  . ? 6_565 ? 
12 AC2 7 DT A 5  ? DT A 5  . ? 7_555 ? 
13 AC2 7 DT A 5  ? DT A 5  . ? 1_555 ? 
14 AC2 7 DA A 6  ? DA A 6  . ? 7_555 ? 
15 AC2 7 DA A 6  ? DA A 6  . ? 1_555 ? 
16 AC2 7 DC A 7  ? DC A 7  . ? 7_555 ? 
17 AC3 3 DG A 3  ? DG A 3  . ? 1_555 ? 
18 AC3 3 DG A 4  ? DG A 4  . ? 1_555 ? 
19 AC3 3 DT A 5  ? DT A 5  . ? 1_555 ? 
# 
loop_
_pdbx_validate_symm_contact.id 
_pdbx_validate_symm_contact.PDB_model_num 
_pdbx_validate_symm_contact.auth_atom_id_1 
_pdbx_validate_symm_contact.auth_asym_id_1 
_pdbx_validate_symm_contact.auth_comp_id_1 
_pdbx_validate_symm_contact.auth_seq_id_1 
_pdbx_validate_symm_contact.PDB_ins_code_1 
_pdbx_validate_symm_contact.label_alt_id_1 
_pdbx_validate_symm_contact.site_symmetry_1 
_pdbx_validate_symm_contact.auth_atom_id_2 
_pdbx_validate_symm_contact.auth_asym_id_2 
_pdbx_validate_symm_contact.auth_comp_id_2 
_pdbx_validate_symm_contact.auth_seq_id_2 
_pdbx_validate_symm_contact.PDB_ins_code_2 
_pdbx_validate_symm_contact.label_alt_id_2 
_pdbx_validate_symm_contact.site_symmetry_2 
_pdbx_validate_symm_contact.dist 
1  1 N8  A RML 102 ? ? 1_555 N8  A RML 102 ? ? 7_555 0.56 
2  1 N8  A RML 102 ? ? 1_555 C28 A RML 102 ? ? 7_555 1.52 
3  1 C28 A RML 102 ? ? 1_555 C26 A RML 102 ? ? 7_555 1.82 
4  1 N5  A RML 102 ? ? 1_555 N9  A RML 102 ? ? 7_555 1.85 
5  1 C28 A RML 102 ? ? 1_555 C28 A RML 102 ? ? 7_555 1.90 
6  1 RU  A RML 102 ? ? 1_555 N8  A RML 102 ? ? 7_555 1.91 
7  1 N8  A RML 102 ? ? 1_555 C26 A RML 102 ? ? 7_555 1.95 
8  1 N5  A RML 102 ? ? 1_555 C30 A RML 102 ? ? 7_555 1.96 
9  1 C19 A RML 102 ? ? 1_555 C30 A RML 102 ? ? 7_555 2.00 
10 1 C19 A RML 102 ? ? 1_555 N9  A RML 102 ? ? 7_555 2.03 
11 1 C12 A RML 102 ? ? 1_555 N12 A RML 102 ? ? 7_555 2.12 
12 1 C20 A RML 102 ? ? 1_555 C30 A RML 102 ? ? 7_555 2.16 
13 1 OP1 A DC  2   ? ? 1_555 N6  A RML 102 ? ? 6_465 2.16 
# 
loop_
_pdbx_validate_rmsd_bond.id 
_pdbx_validate_rmsd_bond.PDB_model_num 
_pdbx_validate_rmsd_bond.auth_atom_id_1 
_pdbx_validate_rmsd_bond.auth_asym_id_1 
_pdbx_validate_rmsd_bond.auth_comp_id_1 
_pdbx_validate_rmsd_bond.auth_seq_id_1 
_pdbx_validate_rmsd_bond.PDB_ins_code_1 
_pdbx_validate_rmsd_bond.label_alt_id_1 
_pdbx_validate_rmsd_bond.auth_atom_id_2 
_pdbx_validate_rmsd_bond.auth_asym_id_2 
_pdbx_validate_rmsd_bond.auth_comp_id_2 
_pdbx_validate_rmsd_bond.auth_seq_id_2 
_pdbx_validate_rmsd_bond.PDB_ins_code_2 
_pdbx_validate_rmsd_bond.label_alt_id_2 
_pdbx_validate_rmsd_bond.bond_value 
_pdbx_validate_rmsd_bond.bond_target_value 
_pdbx_validate_rmsd_bond.bond_deviation 
_pdbx_validate_rmsd_bond.bond_standard_deviation 
_pdbx_validate_rmsd_bond.linker_flag 
1 1 "O3'" A DC 2 ? ? P A DG 3 ? ? 1.526 1.607 -0.081 0.012 Y 
2 1 "O3'" A DG 3 ? ? P A DG 4 ? ? 1.523 1.607 -0.084 0.012 Y 
# 
loop_
_pdbx_validate_rmsd_angle.id 
_pdbx_validate_rmsd_angle.PDB_model_num 
_pdbx_validate_rmsd_angle.auth_atom_id_1 
_pdbx_validate_rmsd_angle.auth_asym_id_1 
_pdbx_validate_rmsd_angle.auth_comp_id_1 
_pdbx_validate_rmsd_angle.auth_seq_id_1 
_pdbx_validate_rmsd_angle.PDB_ins_code_1 
_pdbx_validate_rmsd_angle.label_alt_id_1 
_pdbx_validate_rmsd_angle.auth_atom_id_2 
_pdbx_validate_rmsd_angle.auth_asym_id_2 
_pdbx_validate_rmsd_angle.auth_comp_id_2 
_pdbx_validate_rmsd_angle.auth_seq_id_2 
_pdbx_validate_rmsd_angle.PDB_ins_code_2 
_pdbx_validate_rmsd_angle.label_alt_id_2 
_pdbx_validate_rmsd_angle.auth_atom_id_3 
_pdbx_validate_rmsd_angle.auth_asym_id_3 
_pdbx_validate_rmsd_angle.auth_comp_id_3 
_pdbx_validate_rmsd_angle.auth_seq_id_3 
_pdbx_validate_rmsd_angle.PDB_ins_code_3 
_pdbx_validate_rmsd_angle.label_alt_id_3 
_pdbx_validate_rmsd_angle.angle_value 
_pdbx_validate_rmsd_angle.angle_target_value 
_pdbx_validate_rmsd_angle.angle_deviation 
_pdbx_validate_rmsd_angle.angle_standard_deviation 
_pdbx_validate_rmsd_angle.linker_flag 
1 1 "O5'" A DC 7 ? ? P     A DC 7 ? ? OP2   A DC 7 ? ? 97.59  105.70 -8.11 0.90 N 
2 1 "C1'" A DC 7 ? ? "O4'" A DC 7 ? ? "C4'" A DC 7 ? ? 103.98 110.10 -6.12 1.00 N 
# 
loop_
_chem_comp_atom.comp_id 
_chem_comp_atom.atom_id 
_chem_comp_atom.type_symbol 
_chem_comp_atom.pdbx_aromatic_flag 
_chem_comp_atom.pdbx_stereo_config 
_chem_comp_atom.pdbx_ordinal 
BA  BA     BA N N 1   
DA  OP3    O  N N 2   
DA  P      P  N N 3   
DA  OP1    O  N N 4   
DA  OP2    O  N N 5   
DA  "O5'"  O  N N 6   
DA  "C5'"  C  N N 7   
DA  "C4'"  C  N R 8   
DA  "O4'"  O  N N 9   
DA  "C3'"  C  N S 10  
DA  "O3'"  O  N N 11  
DA  "C2'"  C  N N 12  
DA  "C1'"  C  N R 13  
DA  N9     N  Y N 14  
DA  C8     C  Y N 15  
DA  N7     N  Y N 16  
DA  C5     C  Y N 17  
DA  C6     C  Y N 18  
DA  N6     N  N N 19  
DA  N1     N  Y N 20  
DA  C2     C  Y N 21  
DA  N3     N  Y N 22  
DA  C4     C  Y N 23  
DA  HOP3   H  N N 24  
DA  HOP2   H  N N 25  
DA  "H5'"  H  N N 26  
DA  "H5''" H  N N 27  
DA  "H4'"  H  N N 28  
DA  "H3'"  H  N N 29  
DA  "HO3'" H  N N 30  
DA  "H2'"  H  N N 31  
DA  "H2''" H  N N 32  
DA  "H1'"  H  N N 33  
DA  H8     H  N N 34  
DA  H61    H  N N 35  
DA  H62    H  N N 36  
DA  H2     H  N N 37  
DC  OP3    O  N N 38  
DC  P      P  N N 39  
DC  OP1    O  N N 40  
DC  OP2    O  N N 41  
DC  "O5'"  O  N N 42  
DC  "C5'"  C  N N 43  
DC  "C4'"  C  N R 44  
DC  "O4'"  O  N N 45  
DC  "C3'"  C  N S 46  
DC  "O3'"  O  N N 47  
DC  "C2'"  C  N N 48  
DC  "C1'"  C  N R 49  
DC  N1     N  N N 50  
DC  C2     C  N N 51  
DC  O2     O  N N 52  
DC  N3     N  N N 53  
DC  C4     C  N N 54  
DC  N4     N  N N 55  
DC  C5     C  N N 56  
DC  C6     C  N N 57  
DC  HOP3   H  N N 58  
DC  HOP2   H  N N 59  
DC  "H5'"  H  N N 60  
DC  "H5''" H  N N 61  
DC  "H4'"  H  N N 62  
DC  "H3'"  H  N N 63  
DC  "HO3'" H  N N 64  
DC  "H2'"  H  N N 65  
DC  "H2''" H  N N 66  
DC  "H1'"  H  N N 67  
DC  H41    H  N N 68  
DC  H42    H  N N 69  
DC  H5     H  N N 70  
DC  H6     H  N N 71  
DG  OP3    O  N N 72  
DG  P      P  N N 73  
DG  OP1    O  N N 74  
DG  OP2    O  N N 75  
DG  "O5'"  O  N N 76  
DG  "C5'"  C  N N 77  
DG  "C4'"  C  N R 78  
DG  "O4'"  O  N N 79  
DG  "C3'"  C  N S 80  
DG  "O3'"  O  N N 81  
DG  "C2'"  C  N N 82  
DG  "C1'"  C  N R 83  
DG  N9     N  Y N 84  
DG  C8     C  Y N 85  
DG  N7     N  Y N 86  
DG  C5     C  Y N 87  
DG  C6     C  N N 88  
DG  O6     O  N N 89  
DG  N1     N  N N 90  
DG  C2     C  N N 91  
DG  N2     N  N N 92  
DG  N3     N  N N 93  
DG  C4     C  Y N 94  
DG  HOP3   H  N N 95  
DG  HOP2   H  N N 96  
DG  "H5'"  H  N N 97  
DG  "H5''" H  N N 98  
DG  "H4'"  H  N N 99  
DG  "H3'"  H  N N 100 
DG  "HO3'" H  N N 101 
DG  "H2'"  H  N N 102 
DG  "H2''" H  N N 103 
DG  "H1'"  H  N N 104 
DG  H8     H  N N 105 
DG  H1     H  N N 106 
DG  H21    H  N N 107 
DG  H22    H  N N 108 
DT  OP3    O  N N 109 
DT  P      P  N N 110 
DT  OP1    O  N N 111 
DT  OP2    O  N N 112 
DT  "O5'"  O  N N 113 
DT  "C5'"  C  N N 114 
DT  "C4'"  C  N R 115 
DT  "O4'"  O  N N 116 
DT  "C3'"  C  N S 117 
DT  "O3'"  O  N N 118 
DT  "C2'"  C  N N 119 
DT  "C1'"  C  N R 120 
DT  N1     N  N N 121 
DT  C2     C  N N 122 
DT  O2     O  N N 123 
DT  N3     N  N N 124 
DT  C4     C  N N 125 
DT  O4     O  N N 126 
DT  C5     C  N N 127 
DT  C7     C  N N 128 
DT  C6     C  N N 129 
DT  HOP3   H  N N 130 
DT  HOP2   H  N N 131 
DT  "H5'"  H  N N 132 
DT  "H5''" H  N N 133 
DT  "H4'"  H  N N 134 
DT  "H3'"  H  N N 135 
DT  "HO3'" H  N N 136 
DT  "H2'"  H  N N 137 
DT  "H2''" H  N N 138 
DT  "H1'"  H  N N 139 
DT  H3     H  N N 140 
DT  H71    H  N N 141 
DT  H72    H  N N 142 
DT  H73    H  N N 143 
DT  H6     H  N N 144 
HOH O      O  N N 145 
HOH H1     H  N N 146 
HOH H2     H  N N 147 
RML C53    C  N N 148 
RML C17    C  Y N 149 
RML C18    C  Y N 150 
RML C52    C  N N 151 
RML C14    C  Y N 152 
RML C16    C  Y N 153 
RML C15    C  Y N 154 
RML N3     N  Y N 155 
RML C13    C  Y N 156 
RML N4     N  Y N 157 
RML C7     C  Y N 158 
RML C6     C  Y N 159 
RML C5     C  Y N 160 
RML C4     C  Y N 161 
RML C3     C  Y N 162 
RML C2     C  Y N 163 
RML C8     C  Y N 164 
RML C10    C  Y N 165 
RML C1     C  Y N 166 
RML N2     N  Y N 167 
RML N1     N  Y N 168 
RML C12    C  Y N 169 
RML C11    C  Y N 170 
RML C9     C  Y N 171 
RML RU     RU N N 172 
RML N8     N  Y N 173 
RML C28    C  Y N 174 
RML C27    C  Y N 175 
RML N7     N  Y N 176 
RML C26    C  Y N 177 
RML C25    C  Y N 178 
RML C24    C  Y N 179 
RML C23    C  Y N 180 
RML C22    C  Y N 181 
RML N6     N  Y N 182 
RML C19    C  Y N 183 
RML N5     N  Y N 184 
RML C20    C  Y N 185 
RML C21    C  Y N 186 
RML N12    N  Y N 187 
RML C38    C  Y N 188 
RML C37    C  Y N 189 
RML N11    N  Y N 190 
RML C36    C  Y N 191 
RML C29    C  Y N 192 
RML N9     N  Y N 193 
RML C30    C  Y N 194 
RML C31    C  Y N 195 
RML C35    C  Y N 196 
RML C34    C  Y N 197 
RML C33    C  Y N 198 
RML C32    C  Y N 199 
RML N10    N  Y N 200 
RML H1     H  N N 201 
RML H2     H  N N 202 
RML H3     H  N N 203 
RML H4     H  N N 204 
RML H5     H  N N 205 
RML H6     H  N N 206 
RML H7     H  N N 207 
RML H8     H  N N 208 
RML H9     H  N N 209 
RML H10    H  N N 210 
RML H11    H  N N 211 
RML H12    H  N N 212 
RML H13    H  N N 213 
RML H14    H  N N 214 
RML H15    H  N N 215 
RML H16    H  N N 216 
RML H17    H  N N 217 
RML H18    H  N N 218 
RML H19    H  N N 219 
RML H20    H  N N 220 
RML H21    H  N N 221 
RML H22    H  N N 222 
RML H23    H  N N 223 
RML H24    H  N N 224 
RML H25    H  N N 225 
RML H26    H  N N 226 
# 
loop_
_chem_comp_bond.comp_id 
_chem_comp_bond.atom_id_1 
_chem_comp_bond.atom_id_2 
_chem_comp_bond.value_order 
_chem_comp_bond.pdbx_aromatic_flag 
_chem_comp_bond.pdbx_stereo_config 
_chem_comp_bond.pdbx_ordinal 
DA  OP3   P      sing N N 1   
DA  OP3   HOP3   sing N N 2   
DA  P     OP1    doub N N 3   
DA  P     OP2    sing N N 4   
DA  P     "O5'"  sing N N 5   
DA  OP2   HOP2   sing N N 6   
DA  "O5'" "C5'"  sing N N 7   
DA  "C5'" "C4'"  sing N N 8   
DA  "C5'" "H5'"  sing N N 9   
DA  "C5'" "H5''" sing N N 10  
DA  "C4'" "O4'"  sing N N 11  
DA  "C4'" "C3'"  sing N N 12  
DA  "C4'" "H4'"  sing N N 13  
DA  "O4'" "C1'"  sing N N 14  
DA  "C3'" "O3'"  sing N N 15  
DA  "C3'" "C2'"  sing N N 16  
DA  "C3'" "H3'"  sing N N 17  
DA  "O3'" "HO3'" sing N N 18  
DA  "C2'" "C1'"  sing N N 19  
DA  "C2'" "H2'"  sing N N 20  
DA  "C2'" "H2''" sing N N 21  
DA  "C1'" N9     sing N N 22  
DA  "C1'" "H1'"  sing N N 23  
DA  N9    C8     sing Y N 24  
DA  N9    C4     sing Y N 25  
DA  C8    N7     doub Y N 26  
DA  C8    H8     sing N N 27  
DA  N7    C5     sing Y N 28  
DA  C5    C6     sing Y N 29  
DA  C5    C4     doub Y N 30  
DA  C6    N6     sing N N 31  
DA  C6    N1     doub Y N 32  
DA  N6    H61    sing N N 33  
DA  N6    H62    sing N N 34  
DA  N1    C2     sing Y N 35  
DA  C2    N3     doub Y N 36  
DA  C2    H2     sing N N 37  
DA  N3    C4     sing Y N 38  
DC  OP3   P      sing N N 39  
DC  OP3   HOP3   sing N N 40  
DC  P     OP1    doub N N 41  
DC  P     OP2    sing N N 42  
DC  P     "O5'"  sing N N 43  
DC  OP2   HOP2   sing N N 44  
DC  "O5'" "C5'"  sing N N 45  
DC  "C5'" "C4'"  sing N N 46  
DC  "C5'" "H5'"  sing N N 47  
DC  "C5'" "H5''" sing N N 48  
DC  "C4'" "O4'"  sing N N 49  
DC  "C4'" "C3'"  sing N N 50  
DC  "C4'" "H4'"  sing N N 51  
DC  "O4'" "C1'"  sing N N 52  
DC  "C3'" "O3'"  sing N N 53  
DC  "C3'" "C2'"  sing N N 54  
DC  "C3'" "H3'"  sing N N 55  
DC  "O3'" "HO3'" sing N N 56  
DC  "C2'" "C1'"  sing N N 57  
DC  "C2'" "H2'"  sing N N 58  
DC  "C2'" "H2''" sing N N 59  
DC  "C1'" N1     sing N N 60  
DC  "C1'" "H1'"  sing N N 61  
DC  N1    C2     sing N N 62  
DC  N1    C6     sing N N 63  
DC  C2    O2     doub N N 64  
DC  C2    N3     sing N N 65  
DC  N3    C4     doub N N 66  
DC  C4    N4     sing N N 67  
DC  C4    C5     sing N N 68  
DC  N4    H41    sing N N 69  
DC  N4    H42    sing N N 70  
DC  C5    C6     doub N N 71  
DC  C5    H5     sing N N 72  
DC  C6    H6     sing N N 73  
DG  OP3   P      sing N N 74  
DG  OP3   HOP3   sing N N 75  
DG  P     OP1    doub N N 76  
DG  P     OP2    sing N N 77  
DG  P     "O5'"  sing N N 78  
DG  OP2   HOP2   sing N N 79  
DG  "O5'" "C5'"  sing N N 80  
DG  "C5'" "C4'"  sing N N 81  
DG  "C5'" "H5'"  sing N N 82  
DG  "C5'" "H5''" sing N N 83  
DG  "C4'" "O4'"  sing N N 84  
DG  "C4'" "C3'"  sing N N 85  
DG  "C4'" "H4'"  sing N N 86  
DG  "O4'" "C1'"  sing N N 87  
DG  "C3'" "O3'"  sing N N 88  
DG  "C3'" "C2'"  sing N N 89  
DG  "C3'" "H3'"  sing N N 90  
DG  "O3'" "HO3'" sing N N 91  
DG  "C2'" "C1'"  sing N N 92  
DG  "C2'" "H2'"  sing N N 93  
DG  "C2'" "H2''" sing N N 94  
DG  "C1'" N9     sing N N 95  
DG  "C1'" "H1'"  sing N N 96  
DG  N9    C8     sing Y N 97  
DG  N9    C4     sing Y N 98  
DG  C8    N7     doub Y N 99  
DG  C8    H8     sing N N 100 
DG  N7    C5     sing Y N 101 
DG  C5    C6     sing N N 102 
DG  C5    C4     doub Y N 103 
DG  C6    O6     doub N N 104 
DG  C6    N1     sing N N 105 
DG  N1    C2     sing N N 106 
DG  N1    H1     sing N N 107 
DG  C2    N2     sing N N 108 
DG  C2    N3     doub N N 109 
DG  N2    H21    sing N N 110 
DG  N2    H22    sing N N 111 
DG  N3    C4     sing N N 112 
DT  OP3   P      sing N N 113 
DT  OP3   HOP3   sing N N 114 
DT  P     OP1    doub N N 115 
DT  P     OP2    sing N N 116 
DT  P     "O5'"  sing N N 117 
DT  OP2   HOP2   sing N N 118 
DT  "O5'" "C5'"  sing N N 119 
DT  "C5'" "C4'"  sing N N 120 
DT  "C5'" "H5'"  sing N N 121 
DT  "C5'" "H5''" sing N N 122 
DT  "C4'" "O4'"  sing N N 123 
DT  "C4'" "C3'"  sing N N 124 
DT  "C4'" "H4'"  sing N N 125 
DT  "O4'" "C1'"  sing N N 126 
DT  "C3'" "O3'"  sing N N 127 
DT  "C3'" "C2'"  sing N N 128 
DT  "C3'" "H3'"  sing N N 129 
DT  "O3'" "HO3'" sing N N 130 
DT  "C2'" "C1'"  sing N N 131 
DT  "C2'" "H2'"  sing N N 132 
DT  "C2'" "H2''" sing N N 133 
DT  "C1'" N1     sing N N 134 
DT  "C1'" "H1'"  sing N N 135 
DT  N1    C2     sing N N 136 
DT  N1    C6     sing N N 137 
DT  C2    O2     doub N N 138 
DT  C2    N3     sing N N 139 
DT  N3    C4     sing N N 140 
DT  N3    H3     sing N N 141 
DT  C4    O4     doub N N 142 
DT  C4    C5     sing N N 143 
DT  C5    C7     sing N N 144 
DT  C5    C6     doub N N 145 
DT  C7    H71    sing N N 146 
DT  C7    H72    sing N N 147 
DT  C7    H73    sing N N 148 
DT  C6    H6     sing N N 149 
HOH O     H1     sing N N 150 
HOH O     H2     sing N N 151 
RML C23   C24    doub Y N 152 
RML C23   C22    sing Y N 153 
RML C24   C25    sing Y N 154 
RML N6    C22    doub Y N 155 
RML N6    C21    sing Y N 156 
RML C22   C19    sing Y N 157 
RML C25   N7     doub Y N 158 
RML C25   C26    sing Y N 159 
RML N7    C27    sing Y N 160 
RML C21   C20    doub Y N 161 
RML C19   C26    sing Y N 162 
RML C19   N5     doub Y N 163 
RML C26   N8     doub Y N 164 
RML C27   C28    doub Y N 165 
RML C20   N5     sing Y N 166 
RML N5    RU     sing N N 167 
RML N8    C28    sing Y N 168 
RML N8    RU     sing N N 169 
RML C38   C37    doub Y N 170 
RML C38   N12    sing Y N 171 
RML C37   N11    sing Y N 172 
RML C12   N1     doub Y N 173 
RML C12   C11    sing Y N 174 
RML N12   RU     sing N N 175 
RML N12   C36    doub Y N 176 
RML RU    N1     sing N N 177 
RML RU    N2     sing N N 178 
RML RU    N9     sing N N 179 
RML N1    C10    sing Y N 180 
RML C11   C9     doub Y N 181 
RML N11   C35    doub Y N 182 
RML C36   C35    sing Y N 183 
RML C36   C29    sing Y N 184 
RML C9    C8     sing Y N 185 
RML C10   C8     doub Y N 186 
RML C10   C1     sing Y N 187 
RML C35   C34    sing Y N 188 
RML N2    C2     doub Y N 189 
RML N2    C1     sing Y N 190 
RML C2    C3     sing Y N 191 
RML C8    C7     sing Y N 192 
RML C1    C5     doub Y N 193 
RML N9    C29    doub Y N 194 
RML N9    C30    sing Y N 195 
RML C29   C32    sing Y N 196 
RML C34   C33    doub Y N 197 
RML C3    C4     doub Y N 198 
RML C7    N4     doub Y N 199 
RML C7    C6     sing Y N 200 
RML C30   C31    doub Y N 201 
RML C5    C4     sing Y N 202 
RML C5    C6     sing Y N 203 
RML N4    C13    sing Y N 204 
RML C6    N3     doub Y N 205 
RML C32   C33    sing Y N 206 
RML C32   N10    doub Y N 207 
RML C31   N10    sing Y N 208 
RML C13   C14    doub Y N 209 
RML C13   C15    sing Y N 210 
RML N3    C15    sing Y N 211 
RML C14   C18    sing Y N 212 
RML C15   C16    doub Y N 213 
RML C18   C52    sing N N 214 
RML C18   C17    doub Y N 215 
RML C16   C17    sing Y N 216 
RML C17   C53    sing N N 217 
RML C53   H1     sing N N 218 
RML C53   H2     sing N N 219 
RML C53   H3     sing N N 220 
RML C52   H4     sing N N 221 
RML C52   H5     sing N N 222 
RML C52   H6     sing N N 223 
RML C14   H7     sing N N 224 
RML C16   H8     sing N N 225 
RML C4    H9     sing N N 226 
RML C3    H10    sing N N 227 
RML C2    H11    sing N N 228 
RML C12   H12    sing N N 229 
RML C11   H13    sing N N 230 
RML C9    H14    sing N N 231 
RML C28   H15    sing N N 232 
RML C27   H16    sing N N 233 
RML C24   H17    sing N N 234 
RML C23   H18    sing N N 235 
RML C20   H19    sing N N 236 
RML C21   H20    sing N N 237 
RML C38   H21    sing N N 238 
RML C37   H22    sing N N 239 
RML C30   H23    sing N N 240 
RML C31   H24    sing N N 241 
RML C34   H25    sing N N 242 
RML C33   H26    sing N N 243 
# 
_ndb_struct_conf_na.entry_id   4M3V 
_ndb_struct_conf_na.feature    'b-form double helix' 
# 
loop_
_ndb_struct_na_base_pair.model_number 
_ndb_struct_na_base_pair.i_label_asym_id 
_ndb_struct_na_base_pair.i_label_comp_id 
_ndb_struct_na_base_pair.i_label_seq_id 
_ndb_struct_na_base_pair.i_symmetry 
_ndb_struct_na_base_pair.j_label_asym_id 
_ndb_struct_na_base_pair.j_label_comp_id 
_ndb_struct_na_base_pair.j_label_seq_id 
_ndb_struct_na_base_pair.j_symmetry 
_ndb_struct_na_base_pair.shear 
_ndb_struct_na_base_pair.stretch 
_ndb_struct_na_base_pair.stagger 
_ndb_struct_na_base_pair.buckle 
_ndb_struct_na_base_pair.propeller 
_ndb_struct_na_base_pair.opening 
_ndb_struct_na_base_pair.pair_number 
_ndb_struct_na_base_pair.pair_name 
_ndb_struct_na_base_pair.i_auth_asym_id 
_ndb_struct_na_base_pair.i_auth_seq_id 
_ndb_struct_na_base_pair.i_PDB_ins_code 
_ndb_struct_na_base_pair.j_auth_asym_id 
_ndb_struct_na_base_pair.j_auth_seq_id 
_ndb_struct_na_base_pair.j_PDB_ins_code 
_ndb_struct_na_base_pair.hbond_type_28 
_ndb_struct_na_base_pair.hbond_type_12 
1 A DT 1 1_555 A DA 10 7_555 0.958  0.088  -0.352 10.055 1.302  4.190  1  A_DT1:DA10_A A 1 ? A 10 ? 20 1 
1 A DC 2 1_555 A DG 9  7_555 0.098  -0.145 0.031  -6.941 1.726  -1.788 2  A_DC2:DG9_A  A 2 ? A 9  ? 19 1 
1 A DG 3 1_555 A DC 8  7_555 -0.261 0.031  0.154  28.197 -3.974 -3.506 3  A_DG3:DC8_A  A 3 ? A 8  ? 19 1 
1 A DG 4 1_555 A DC 7  7_555 -0.144 -0.109 -0.056 -7.591 3.378  -3.985 4  A_DG4:DC7_A  A 4 ? A 7  ? 19 1 
1 A DT 5 1_555 A DA 6  7_555 1.005  0.073  -0.203 21.535 12.707 3.793  5  A_DT5:DA6_A  A 5 ? A 6  ? 20 1 
1 A DT 1 1_555 A DA 10 1_555 0.958  0.088  -0.352 10.055 1.303  4.190  6  A_DT1:DA10_A A 1 ? A 10 ? 20 1 
1 A DC 2 1_555 A DG 9  1_555 0.098  -0.145 0.031  -6.941 1.726  -1.788 7  A_DC2:DG9_A  A 2 ? A 9  ? 19 1 
1 A DG 3 1_555 A DC 8  1_555 -0.261 0.031  0.154  28.197 -3.974 -3.506 8  A_DG3:DC8_A  A 3 ? A 8  ? 19 1 
1 A DG 4 1_555 A DC 7  1_555 -0.144 -0.109 -0.056 -7.591 3.378  -3.985 9  A_DG4:DC7_A  A 4 ? A 7  ? 19 1 
1 A DT 5 1_555 A DA 6  1_555 1.005  0.073  -0.203 21.535 12.707 3.793  10 A_DT5:DA6_A  A 5 ? A 6  ? 20 1 
# 
loop_
_ndb_struct_na_base_pair_step.model_number 
_ndb_struct_na_base_pair_step.i_label_asym_id_1 
_ndb_struct_na_base_pair_step.i_label_comp_id_1 
_ndb_struct_na_base_pair_step.i_label_seq_id_1 
_ndb_struct_na_base_pair_step.i_symmetry_1 
_ndb_struct_na_base_pair_step.j_label_asym_id_1 
_ndb_struct_na_base_pair_step.j_label_comp_id_1 
_ndb_struct_na_base_pair_step.j_label_seq_id_1 
_ndb_struct_na_base_pair_step.j_symmetry_1 
_ndb_struct_na_base_pair_step.i_label_asym_id_2 
_ndb_struct_na_base_pair_step.i_label_comp_id_2 
_ndb_struct_na_base_pair_step.i_label_seq_id_2 
_ndb_struct_na_base_pair_step.i_symmetry_2 
_ndb_struct_na_base_pair_step.j_label_asym_id_2 
_ndb_struct_na_base_pair_step.j_label_comp_id_2 
_ndb_struct_na_base_pair_step.j_label_seq_id_2 
_ndb_struct_na_base_pair_step.j_symmetry_2 
_ndb_struct_na_base_pair_step.shift 
_ndb_struct_na_base_pair_step.slide 
_ndb_struct_na_base_pair_step.rise 
_ndb_struct_na_base_pair_step.tilt 
_ndb_struct_na_base_pair_step.roll 
_ndb_struct_na_base_pair_step.twist 
_ndb_struct_na_base_pair_step.x_displacement 
_ndb_struct_na_base_pair_step.y_displacement 
_ndb_struct_na_base_pair_step.helical_rise 
_ndb_struct_na_base_pair_step.inclination 
_ndb_struct_na_base_pair_step.tip 
_ndb_struct_na_base_pair_step.helical_twist 
_ndb_struct_na_base_pair_step.step_number 
_ndb_struct_na_base_pair_step.step_name 
_ndb_struct_na_base_pair_step.i_auth_asym_id_1 
_ndb_struct_na_base_pair_step.i_auth_seq_id_1 
_ndb_struct_na_base_pair_step.i_PDB_ins_code_1 
_ndb_struct_na_base_pair_step.j_auth_asym_id_1 
_ndb_struct_na_base_pair_step.j_auth_seq_id_1 
_ndb_struct_na_base_pair_step.j_PDB_ins_code_1 
_ndb_struct_na_base_pair_step.i_auth_asym_id_2 
_ndb_struct_na_base_pair_step.i_auth_seq_id_2 
_ndb_struct_na_base_pair_step.i_PDB_ins_code_2 
_ndb_struct_na_base_pair_step.j_auth_asym_id_2 
_ndb_struct_na_base_pair_step.j_auth_seq_id_2 
_ndb_struct_na_base_pair_step.j_PDB_ins_code_2 
1 A DT 1 1_555 A DA 10 7_555 A DC 2 1_555 A DG 9 7_555 -0.010 0.977  7.119 -1.514 -0.394 17.699 3.668  -1.913 7.071 -1.278 4.907  
17.767 1 AA_DT1DC2:DG9DA10_AA A 1 ? A 10 ? A 2 ? A 9 ? 
1 A DC 2 1_555 A DG 9  7_555 A DG 3 1_555 A DC 8 7_555 -0.069 1.522  2.579 1.684  7.630  18.792 1.288  0.861  2.945 22.166 -4.893 
20.338 2 AA_DC2DG3:DC8DG9_AA  A 2 ? A 9  ? A 3 ? A 8 ? 
1 A DG 3 1_555 A DC 8  7_555 A DG 4 1_555 A DC 7 7_555 -0.101 0.573  5.208 -2.613 53.375 19.506 -4.908 -0.164 2.399 71.314 3.492  
56.641 3 AA_DG3DG4:DC7DC8_AA  A 3 ? A 8  ? A 4 ? A 7 ? 
1 A DG 4 1_555 A DC 7  7_555 A DT 5 1_555 A DA 6 7_555 0.743  -0.314 2.698 -2.916 1.741  24.100 -1.187 -2.503 2.562 4.144  6.940  
24.335 4 AA_DG4DT5:DA6DC7_AA  A 4 ? A 7  ? A 5 ? A 6 ? 
1 A DT 1 1_555 A DA 10 1_555 A DC 2 1_555 A DG 9 1_555 -0.010 0.977  7.119 -1.513 -0.394 17.699 3.669  -1.913 7.071 -1.278 4.907  
17.767 5 AA_DT1DC2:DG9DA10_AA A 1 ? A 10 ? A 2 ? A 9 ? 
1 A DC 2 1_555 A DG 9  1_555 A DG 3 1_555 A DC 8 1_555 -0.069 1.522  2.579 1.684  7.630  18.792 1.288  0.861  2.945 22.166 -4.893 
20.338 6 AA_DC2DG3:DC8DG9_AA  A 2 ? A 9  ? A 3 ? A 8 ? 
1 A DG 3 1_555 A DC 8  1_555 A DG 4 1_555 A DC 7 1_555 -0.101 0.573  5.208 -2.613 53.375 19.506 -4.908 -0.164 2.399 71.314 3.492  
56.641 7 AA_DG3DG4:DC7DC8_AA  A 3 ? A 8  ? A 4 ? A 7 ? 
1 A DG 4 1_555 A DC 7  1_555 A DT 5 1_555 A DA 6 1_555 0.743  -0.314 2.698 -2.916 1.741  24.100 -1.187 -2.503 2.562 4.144  6.940  
24.335 8 AA_DG4DT5:DA6DC7_AA  A 4 ? A 7  ? A 5 ? A 6 ? 
# 
_atom_sites.entry_id                    4M3V 
_atom_sites.fract_transf_matrix[1][1]   -0.00460520 
_atom_sites.fract_transf_matrix[1][2]   0.00744612 
_atom_sites.fract_transf_matrix[1][3]   0.01703144 
_atom_sites.fract_transf_matrix[2][1]   0.01622897 
_atom_sites.fract_transf_matrix[2][2]   -0.00694431 
_atom_sites.fract_transf_matrix[2][3]   0.00742426 
_atom_sites.fract_transf_matrix[3][1]   0.01370975 
_atom_sites.fract_transf_matrix[3][2]   0.02453508 
_atom_sites.fract_transf_matrix[3][3]   -0.00701966 
_atom_sites.fract_transf_vector[1]      0.728069 
_atom_sites.fract_transf_vector[2]      0.801335 
_atom_sites.fract_transf_vector[3]      -0.045215 
# 
loop_
_atom_type.symbol 
BA 
C  
N  
O  
P  
RU 
# 
loop_
_atom_site.group_PDB 
_atom_site.id 
_atom_site.type_symbol 
_atom_site.label_atom_id 
_atom_site.label_alt_id 
_atom_site.label_comp_id 
_atom_site.label_asym_id 
_atom_site.label_entity_id 
_atom_site.label_seq_id 
_atom_site.pdbx_PDB_ins_code 
_atom_site.Cartn_x 
_atom_site.Cartn_y 
_atom_site.Cartn_z 
_atom_site.occupancy 
_atom_site.B_iso_or_equiv 
_atom_site.pdbx_formal_charge 
_atom_site.auth_seq_id 
_atom_site.auth_comp_id 
_atom_site.auth_asym_id 
_atom_site.auth_atom_id 
_atom_site.pdbx_PDB_model_num 
ATOM   1   C  "C4'" . DT  A 1 1  ? 5.950   8.602   -17.158 1.00 64.25  ? 1   DT  A "C4'" 1 
ATOM   2   O  "O4'" . DT  A 1 1  ? 7.306   8.706   -16.679 1.00 62.18  ? 1   DT  A "O4'" 1 
ATOM   3   C  "C3'" . DT  A 1 1  ? 5.346   7.462   -16.341 1.00 64.54  ? 1   DT  A "C3'" 1 
ATOM   4   O  "O3'" . DT  A 1 1  ? 5.772   6.175   -16.794 1.00 59.44  ? 1   DT  A "O3'" 1 
ATOM   5   C  "C2'" . DT  A 1 1  ? 6.002   7.641   -14.993 1.00 62.52  ? 1   DT  A "C2'" 1 
ATOM   6   C  "C1'" . DT  A 1 1  ? 7.378   8.194   -15.353 1.00 63.28  ? 1   DT  A "C1'" 1 
ATOM   7   N  N1    . DT  A 1 1  ? 7.804   9.288   -14.483 1.00 63.04  ? 1   DT  A N1    1 
ATOM   8   C  C2    . DT  A 1 1  ? 9.145   9.399   -14.205 1.00 60.04  ? 1   DT  A C2    1 
ATOM   9   O  O2    . DT  A 1 1  ? 9.980   8.619   -14.631 1.00 46.94  ? 1   DT  A O2    1 
ATOM   10  N  N3    . DT  A 1 1  ? 9.473   10.452  -13.386 1.00 61.93  ? 1   DT  A N3    1 
ATOM   11  C  C4    . DT  A 1 1  ? 8.612   11.388  -12.845 1.00 70.22  ? 1   DT  A C4    1 
ATOM   12  O  O4    . DT  A 1 1  ? 9.055   12.280  -12.127 1.00 70.84  ? 1   DT  A O4    1 
ATOM   13  C  C5    . DT  A 1 1  ? 7.218   11.221  -13.195 1.00 74.75  ? 1   DT  A C5    1 
ATOM   14  C  C7    . DT  A 1 1  ? 6.210   12.187  -12.656 1.00 77.47  ? 1   DT  A C7    1 
ATOM   15  C  C6    . DT  A 1 1  ? 6.889   10.192  -13.985 1.00 71.18  ? 1   DT  A C6    1 
ATOM   16  P  P     . DC  A 1 2  ? 4.819   4.921   -16.617 1.00 54.45  ? 2   DC  A P     1 
ATOM   17  O  OP1   . DC  A 1 2  ? 5.167   3.913   -17.626 1.00 62.20  ? 2   DC  A OP1   1 
ATOM   18  O  OP2   . DC  A 1 2  ? 3.422   5.386   -16.537 1.00 56.32  ? 2   DC  A OP2   1 
ATOM   19  O  "O5'" . DC  A 1 2  ? 5.285   4.354   -15.211 1.00 50.65  ? 2   DC  A "O5'" 1 
ATOM   20  C  "C5'" . DC  A 1 2  ? 4.335   3.817   -14.321 1.00 44.11  ? 2   DC  A "C5'" 1 
ATOM   21  C  "C4'" . DC  A 1 2  ? 5.047   2.844   -13.430 1.00 38.15  ? 2   DC  A "C4'" 1 
ATOM   22  O  "O4'" . DC  A 1 2  ? 6.126   3.526   -12.756 1.00 40.92  ? 2   DC  A "O4'" 1 
ATOM   23  C  "C3'" . DC  A 1 2  ? 4.179   2.266   -12.339 1.00 38.79  ? 2   DC  A "C3'" 1 
ATOM   24  O  "O3'" . DC  A 1 2  ? 3.533   1.090   -12.862 1.00 38.97  ? 2   DC  A "O3'" 1 
ATOM   25  C  "C2'" . DC  A 1 2  ? 5.186   1.973   -11.243 1.00 37.58  ? 2   DC  A "C2'" 1 
ATOM   26  C  "C1'" . DC  A 1 2  ? 6.368   2.909   -11.508 1.00 38.07  ? 2   DC  A "C1'" 1 
ATOM   27  N  N1    . DC  A 1 2  ? 6.463   3.978   -10.519 1.00 39.82  ? 2   DC  A N1    1 
ATOM   28  C  C2    . DC  A 1 2  ? 7.675   4.238   -9.885  1.00 33.99  ? 2   DC  A C2    1 
ATOM   29  O  O2    . DC  A 1 2  ? 8.649   3.528   -10.139 1.00 40.16  ? 2   DC  A O2    1 
ATOM   30  N  N3    . DC  A 1 2  ? 7.743   5.242   -8.992  1.00 36.26  ? 2   DC  A N3    1 
ATOM   31  C  C4    . DC  A 1 2  ? 6.669   5.994   -8.753  1.00 37.72  ? 2   DC  A C4    1 
ATOM   32  N  N4    . DC  A 1 2  ? 6.788   7.004   -7.896  1.00 38.50  ? 2   DC  A N4    1 
ATOM   33  C  C5    . DC  A 1 2  ? 5.444   5.785   -9.431  1.00 36.58  ? 2   DC  A C5    1 
ATOM   34  C  C6    . DC  A 1 2  ? 5.389   4.785   -10.304 1.00 37.16  ? 2   DC  A C6    1 
ATOM   35  P  P     . DG  A 1 3  ? 2.387   0.442   -12.091 1.00 40.90  ? 3   DG  A P     1 
ATOM   36  O  OP1   . DG  A 1 3  ? 1.580   -0.323  -13.017 1.00 43.52  ? 3   DG  A OP1   1 
ATOM   37  O  OP2   . DG  A 1 3  ? 1.727   1.482   -11.324 1.00 44.71  ? 3   DG  A OP2   1 
ATOM   38  O  "O5'" . DG  A 1 3  ? 3.175   -0.534  -11.137 1.00 40.44  ? 3   DG  A "O5'" 1 
ATOM   39  C  "C5'" . DG  A 1 3  ? 3.921   -1.618  -11.656 1.00 40.22  ? 3   DG  A "C5'" 1 
ATOM   40  C  "C4'" . DG  A 1 3  ? 4.801   -2.207  -10.581 1.00 42.84  ? 3   DG  A "C4'" 1 
ATOM   41  O  "O4'" . DG  A 1 3  ? 5.765   -1.233  -10.143 1.00 45.06  ? 3   DG  A "O4'" 1 
ATOM   42  C  "C3'" . DG  A 1 3  ? 4.080   -2.647  -9.318  1.00 42.93  ? 3   DG  A "C3'" 1 
ATOM   43  O  "O3'" . DG  A 1 3  ? 3.861   -4.038  -9.483  1.00 43.47  ? 3   DG  A "O3'" 1 
ATOM   44  C  "C2'" . DG  A 1 3  ? 5.119   -2.455  -8.235  1.00 38.51  ? 3   DG  A "C2'" 1 
ATOM   45  C  "C1'" . DG  A 1 3  ? 5.961   -1.310  -8.745  1.00 40.21  ? 3   DG  A "C1'" 1 
ATOM   46  N  N9    . DG  A 1 3  ? 5.629   -0.004  -8.197  1.00 41.07  ? 3   DG  A N9    1 
ATOM   47  C  C8    . DG  A 1 3  ? 4.400   0.600   -8.158  1.00 41.99  ? 3   DG  A C8    1 
ATOM   48  N  N7    . DG  A 1 3  ? 4.441   1.807   -7.666  1.00 44.96  ? 3   DG  A N7    1 
ATOM   49  C  C5    . DG  A 1 3  ? 5.783   2.013   -7.385  1.00 36.87  ? 3   DG  A C5    1 
ATOM   50  C  C6    . DG  A 1 3  ? 6.445   3.134   -6.830  1.00 35.61  ? 3   DG  A C6    1 
ATOM   51  O  O6    . DG  A 1 3  ? 5.964   4.216   -6.476  1.00 34.70  ? 3   DG  A O6    1 
ATOM   52  N  N1    . DG  A 1 3  ? 7.818   2.944   -6.790  1.00 35.48  ? 3   DG  A N1    1 
ATOM   53  C  C2    . DG  A 1 3  ? 8.465   1.791   -7.149  1.00 36.86  ? 3   DG  A C2    1 
ATOM   54  N  N2    . DG  A 1 3  ? 9.781   1.771   -6.967  1.00 36.91  ? 3   DG  A N2    1 
ATOM   55  N  N3    . DG  A 1 3  ? 7.863   0.741   -7.667  1.00 35.10  ? 3   DG  A N3    1 
ATOM   56  C  C4    . DG  A 1 3  ? 6.533   0.926   -7.769  1.00 36.11  ? 3   DG  A C4    1 
ATOM   57  P  P     . DG  A 1 4  ? 2.558   -4.678  -9.023  1.00 47.92  ? 4   DG  A P     1 
ATOM   58  O  OP1   . DG  A 1 4  ? 2.602   -6.073  -9.499  1.00 44.74  ? 4   DG  A OP1   1 
ATOM   59  O  OP2   . DG  A 1 4  ? 1.437   -3.801  -9.430  1.00 39.15  ? 4   DG  A OP2   1 
ATOM   60  O  "O5'" . DG  A 1 4  ? 2.723   -4.714  -7.447  1.00 43.11  ? 4   DG  A "O5'" 1 
ATOM   61  C  "C5'" . DG  A 1 4  ? 3.741   -5.500  -6.837  1.00 42.62  ? 4   DG  A "C5'" 1 
ATOM   62  C  "C4'" . DG  A 1 4  ? 3.741   -5.253  -5.350  1.00 38.86  ? 4   DG  A "C4'" 1 
ATOM   63  O  "O4'" . DG  A 1 4  ? 4.037   -3.868  -5.115  1.00 39.62  ? 4   DG  A "O4'" 1 
ATOM   64  C  "C3'" . DG  A 1 4  ? 2.405   -5.511  -4.665  1.00 37.20  ? 4   DG  A "C3'" 1 
ATOM   65  O  "O3'" . DG  A 1 4  ? 2.641   -6.141  -3.418  1.00 40.33  ? 4   DG  A "O3'" 1 
ATOM   66  C  "C2'" . DG  A 1 4  ? 1.855   -4.124  -4.426  1.00 37.55  ? 4   DG  A "C2'" 1 
ATOM   67  C  "C1'" . DG  A 1 4  ? 3.104   -3.332  -4.207  1.00 35.59  ? 4   DG  A "C1'" 1 
ATOM   68  N  N9    . DG  A 1 4  ? 2.969   -1.921  -4.515  1.00 33.14  ? 4   DG  A N9    1 
ATOM   69  C  C8    . DG  A 1 4  ? 2.499   -1.389  -5.689  1.00 29.38  ? 4   DG  A C8    1 
ATOM   70  N  N7    . DG  A 1 4  ? 2.609   -0.093  -5.742  1.00 31.02  ? 4   DG  A N7    1 
ATOM   71  C  C5    . DG  A 1 4  ? 3.195   0.251   -4.531  1.00 31.16  ? 4   DG  A C5    1 
ATOM   72  C  C6    . DG  A 1 4  ? 3.524   1.520   -4.004  1.00 30.70  ? 4   DG  A C6    1 
ATOM   73  O  O6    . DG  A 1 4  ? 3.364   2.629   -4.519  1.00 29.59  ? 4   DG  A O6    1 
ATOM   74  N  N1    . DG  A 1 4  ? 4.151   1.413   -2.770  1.00 28.59  ? 4   DG  A N1    1 
ATOM   75  C  C2    . DG  A 1 4  ? 4.391   0.243   -2.109  1.00 31.11  ? 4   DG  A C2    1 
ATOM   76  N  N2    . DG  A 1 4  ? 4.981   0.351   -0.918  1.00 35.40  ? 4   DG  A N2    1 
ATOM   77  N  N3    . DG  A 1 4  ? 4.053   -0.947  -2.570  1.00 36.35  ? 4   DG  A N3    1 
ATOM   78  C  C4    . DG  A 1 4  ? 3.446   -0.867  -3.774  1.00 32.48  ? 4   DG  A C4    1 
ATOM   79  P  P     . DT  A 1 5  ? 1.503   -6.917  -2.688  1.00 43.52  ? 5   DT  A P     1 
ATOM   80  O  OP1   . DT  A 1 5  ? 2.063   -8.089  -2.099  1.00 37.02  ? 5   DT  A OP1   1 
ATOM   81  O  OP2   . DT  A 1 5  ? 0.353   -7.017  -3.569  1.00 41.69  ? 5   DT  A OP2   1 
ATOM   82  O  "O5'" . DT  A 1 5  ? 1.012   -5.918  -1.582  1.00 42.13  ? 5   DT  A "O5'" 1 
ATOM   83  C  "C5'" . DT  A 1 5  ? 1.892   -5.384  -0.599  1.00 48.68  ? 5   DT  A "C5'" 1 
ATOM   84  C  "C4'" . DT  A 1 5  ? 1.259   -4.128  -0.058  1.00 46.10  ? 5   DT  A "C4'" 1 
ATOM   85  O  "O4'" . DT  A 1 5  ? 1.438   -3.046  -0.999  1.00 48.84  ? 5   DT  A "O4'" 1 
ATOM   86  C  "C3'" . DT  A 1 5  ? -0.255  -4.237  0.154   1.00 49.73  ? 5   DT  A "C3'" 1 
ATOM   87  O  "O3'" . DT  A 1 5  ? -0.581  -4.221  1.545   1.00 53.02  ? 5   DT  A "O3'" 1 
ATOM   88  C  "C2'" . DT  A 1 5  ? -0.828  -3.008  -0.541  1.00 48.36  ? 5   DT  A "C2'" 1 
ATOM   89  C  "C1'" . DT  A 1 5  ? 0.394   -2.143  -0.753  1.00 41.99  ? 5   DT  A "C1'" 1 
ATOM   90  N  N1    . DT  A 1 5  ? 0.331   -1.160  -1.860  1.00 42.16  ? 5   DT  A N1    1 
ATOM   91  C  C2    . DT  A 1 5  ? 0.818   0.095   -1.578  1.00 39.53  ? 5   DT  A C2    1 
ATOM   92  O  O2    . DT  A 1 5  ? 1.368   0.371   -0.525  1.00 41.10  ? 5   DT  A O2    1 
ATOM   93  N  N3    . DT  A 1 5  ? 0.699   1.001   -2.601  1.00 35.31  ? 5   DT  A N3    1 
ATOM   94  C  C4    . DT  A 1 5  ? 0.110   0.794   -3.831  1.00 43.44  ? 5   DT  A C4    1 
ATOM   95  O  O4    . DT  A 1 5  ? 0.071   1.707   -4.652  1.00 52.62  ? 5   DT  A O4    1 
ATOM   96  C  C5    . DT  A 1 5  ? -0.424  -0.529  -4.044  1.00 43.00  ? 5   DT  A C5    1 
ATOM   97  C  C7    . DT  A 1 5  ? -1.093  -0.835  -5.347  1.00 49.49  ? 5   DT  A C7    1 
ATOM   98  C  C6    . DT  A 1 5  ? -0.300  -1.427  -3.056  1.00 40.88  ? 5   DT  A C6    1 
ATOM   99  P  P     . DA  A 1 6  ? -1.363  -5.444  2.199   1.00 55.66  ? 6   DA  A P     1 
ATOM   100 O  OP1   . DA  A 1 6  ? -0.388  -6.517  2.433   1.00 48.10  ? 6   DA  A OP1   1 
ATOM   101 O  OP2   . DA  A 1 6  ? -2.597  -5.677  1.416   1.00 48.59  ? 6   DA  A OP2   1 
ATOM   102 O  "O5'" . DA  A 1 6  ? -1.860  -4.863  3.582   1.00 49.50  ? 6   DA  A "O5'" 1 
ATOM   103 C  "C5'" . DA  A 1 6  ? -0.944  -4.677  4.655   1.00 49.82  ? 6   DA  A "C5'" 1 
ATOM   104 C  "C4'" . DA  A 1 6  ? -1.476  -3.619  5.587   1.00 48.27  ? 6   DA  A "C4'" 1 
ATOM   105 O  "O4'" . DA  A 1 6  ? -1.745  -2.424  4.822   1.00 54.87  ? 6   DA  A "O4'" 1 
ATOM   106 C  "C3'" . DA  A 1 6  ? -2.772  -3.968  6.330   1.00 53.15  ? 6   DA  A "C3'" 1 
ATOM   107 O  "O3'" . DA  A 1 6  ? -2.590  -3.559  7.689   1.00 52.73  ? 6   DA  A "O3'" 1 
ATOM   108 C  "C2'" . DA  A 1 6  ? -3.832  -3.153  5.617   1.00 48.86  ? 6   DA  A "C2'" 1 
ATOM   109 C  "C1'" . DA  A 1 6  ? -3.063  -1.963  5.051   1.00 50.95  ? 6   DA  A "C1'" 1 
ATOM   110 N  N9    . DA  A 1 6  ? -3.592  -1.494  3.772   1.00 42.79  ? 6   DA  A N9    1 
ATOM   111 C  C8    . DA  A 1 6  ? -3.890  -2.276  2.687   1.00 40.34  ? 6   DA  A C8    1 
ATOM   112 N  N7    . DA  A 1 6  ? -4.370  -1.605  1.671   1.00 38.93  ? 6   DA  A N7    1 
ATOM   113 C  C5    . DA  A 1 6  ? -4.395  -0.295  2.118   1.00 36.71  ? 6   DA  A C5    1 
ATOM   114 C  C6    . DA  A 1 6  ? -4.808  0.904   1.510   1.00 39.61  ? 6   DA  A C6    1 
ATOM   115 N  N6    . DA  A 1 6  ? -5.267  0.981   0.262   1.00 35.87  ? 6   DA  A N6    1 
ATOM   116 N  N1    . DA  A 1 6  ? -4.670  2.042   2.216   1.00 41.22  ? 6   DA  A N1    1 
ATOM   117 C  C2    . DA  A 1 6  ? -4.196  1.968   3.463   1.00 39.95  ? 6   DA  A C2    1 
ATOM   118 N  N3    . DA  A 1 6  ? -3.790  0.904   4.147   1.00 40.24  ? 6   DA  A N3    1 
ATOM   119 C  C4    . DA  A 1 6  ? -3.906  -0.209  3.406   1.00 42.44  ? 6   DA  A C4    1 
ATOM   120 P  P     . DC  A 1 7  ? -3.578  -4.016  8.860   1.00 61.66  ? 7   DC  A P     1 
ATOM   121 O  OP1   . DC  A 1 7  ? -2.780  -4.052  10.113  1.00 52.86  ? 7   DC  A OP1   1 
ATOM   122 O  OP2   . DC  A 1 7  ? -4.420  -5.137  8.398   1.00 46.07  ? 7   DC  A OP2   1 
ATOM   123 O  "O5'" . DC  A 1 7  ? -4.700  -2.898  8.859   1.00 49.44  ? 7   DC  A "O5'" 1 
ATOM   124 C  "C5'" . DC  A 1 7  ? -4.639  -1.844  9.797   1.00 52.23  ? 7   DC  A "C5'" 1 
ATOM   125 C  "C4'" . DC  A 1 7  ? -5.502  -0.708  9.319   1.00 45.00  ? 7   DC  A "C4'" 1 
ATOM   126 O  "O4'" . DC  A 1 7  ? -5.340  -0.387  7.929   1.00 41.57  ? 7   DC  A "O4'" 1 
ATOM   127 C  "C3'" . DC  A 1 7  ? -6.983  -0.959  9.422   1.00 44.94  ? 7   DC  A "C3'" 1 
ATOM   128 O  "O3'" . DC  A 1 7  ? -7.255  -0.969  10.812  1.00 46.30  ? 7   DC  A "O3'" 1 
ATOM   129 C  "C2'" . DC  A 1 7  ? -7.511  0.227   8.645   1.00 43.88  ? 7   DC  A "C2'" 1 
ATOM   130 C  "C1'" . DC  A 1 7  ? -6.365  0.549   7.674   1.00 42.53  ? 7   DC  A "C1'" 1 
ATOM   131 N  N1    . DC  A 1 7  ? -6.753  0.445   6.261   1.00 38.15  ? 7   DC  A N1    1 
ATOM   132 C  C2    . DC  A 1 7  ? -6.828  1.623   5.516   1.00 36.71  ? 7   DC  A C2    1 
ATOM   133 O  O2    . DC  A 1 7  ? -6.510  2.690   6.053   1.00 42.95  ? 7   DC  A O2    1 
ATOM   134 N  N3    . DC  A 1 7  ? -7.224  1.564   4.230   1.00 34.98  ? 7   DC  A N3    1 
ATOM   135 C  C4    . DC  A 1 7  ? -7.563  0.393   3.689   1.00 32.69  ? 7   DC  A C4    1 
ATOM   136 N  N4    . DC  A 1 7  ? -7.948  0.387   2.415   1.00 35.61  ? 7   DC  A N4    1 
ATOM   137 C  C5    . DC  A 1 7  ? -7.520  -0.820  4.432   1.00 35.88  ? 7   DC  A C5    1 
ATOM   138 C  C6    . DC  A 1 7  ? -7.116  -0.749  5.705   1.00 33.18  ? 7   DC  A C6    1 
ATOM   139 P  P     . DC  A 1 8  ? -8.348  -1.866  11.423  1.00 45.48  ? 8   DC  A P     1 
ATOM   140 O  OP1   . DC  A 1 8  ? -8.135  -1.863  12.867  1.00 41.89  ? 8   DC  A OP1   1 
ATOM   141 O  OP2   . DC  A 1 8  ? -8.495  -3.112  10.663  1.00 43.61  ? 8   DC  A OP2   1 
ATOM   142 O  "O5'" . DC  A 1 8  ? -9.660  -1.059  11.092  1.00 39.63  ? 8   DC  A "O5'" 1 
ATOM   143 C  "C5'" . DC  A 1 8  ? -9.897  0.201   11.682  1.00 42.47  ? 8   DC  A "C5'" 1 
ATOM   144 C  "C4'" . DC  A 1 8  ? -11.170 0.745   11.097  1.00 41.05  ? 8   DC  A "C4'" 1 
ATOM   145 O  "O4'" . DC  A 1 8  ? -10.980 0.944   9.691   1.00 44.53  ? 8   DC  A "O4'" 1 
ATOM   146 C  "C3'" . DC  A 1 8  ? -12.320 -0.238  11.214  1.00 45.79  ? 8   DC  A "C3'" 1 
ATOM   147 O  "O3'" . DC  A 1 8  ? -13.152 0.270   12.232  1.00 45.48  ? 8   DC  A "O3'" 1 
ATOM   148 C  "C2'" . DC  A 1 8  ? -12.981 -0.244  9.846   1.00 46.88  ? 8   DC  A "C2'" 1 
ATOM   149 C  "C1'" . DC  A 1 8  ? -12.206 0.756   9.017   1.00 40.48  ? 8   DC  A "C1'" 1 
ATOM   150 N  N1    . DC  A 1 8  ? -11.878 0.301   7.667   1.00 39.83  ? 8   DC  A N1    1 
ATOM   151 C  C2    . DC  A 1 8  ? -12.373 1.002   6.566   1.00 37.70  ? 8   DC  A C2    1 
ATOM   152 O  O2    . DC  A 1 8  ? -13.146 1.947   6.755   1.00 34.82  ? 8   DC  A O2    1 
ATOM   153 N  N3    . DC  A 1 8  ? -11.989 0.636   5.328   1.00 37.26  ? 8   DC  A N3    1 
ATOM   154 C  C4    . DC  A 1 8  ? -11.193 -0.419  5.163   1.00 36.93  ? 8   DC  A C4    1 
ATOM   155 N  N4    . DC  A 1 8  ? -10.851 -0.752  3.923   1.00 38.73  ? 8   DC  A N4    1 
ATOM   156 C  C5    . DC  A 1 8  ? -10.666 -1.143  6.266   1.00 39.48  ? 8   DC  A C5    1 
ATOM   157 C  C6    . DC  A 1 8  ? -11.013 -0.740  7.488   1.00 38.41  ? 8   DC  A C6    1 
ATOM   158 P  P     . DG  A 1 9  ? -14.201 -0.652  12.922  1.00 47.16  ? 9   DG  A P     1 
ATOM   159 O  OP1   . DG  A 1 9  ? -14.512 -0.057  14.218  1.00 51.50  ? 9   DG  A OP1   1 
ATOM   160 O  OP2   . DG  A 1 9  ? -13.772 -2.043  12.813  1.00 47.64  ? 9   DG  A OP2   1 
ATOM   161 O  "O5'" . DG  A 1 9  ? -15.459 -0.515  11.998  1.00 40.54  ? 9   DG  A "O5'" 1 
ATOM   162 C  "C5'" . DG  A 1 9  ? -16.225 0.671   12.015  1.00 40.45  ? 9   DG  A "C5'" 1 
ATOM   163 C  "C4'" . DG  A 1 9  ? -17.295 0.489   10.978  1.00 45.09  ? 9   DG  A "C4'" 1 
ATOM   164 O  "O4'" . DG  A 1 9  ? -16.622 0.363   9.706   1.00 39.63  ? 9   DG  A "O4'" 1 
ATOM   165 C  "C3'" . DG  A 1 9  ? -18.092 -0.804  11.165  1.00 45.11  ? 9   DG  A "C3'" 1 
ATOM   166 O  "O3'" . DG  A 1 9  ? -19.455 -0.575  10.848  1.00 51.59  ? 9   DG  A "O3'" 1 
ATOM   167 C  "C2'" . DG  A 1 9  ? -17.431 -1.760  10.202  1.00 43.32  ? 9   DG  A "C2'" 1 
ATOM   168 C  "C1'" . DG  A 1 9  ? -17.065 -0.814  9.084   1.00 39.91  ? 9   DG  A "C1'" 1 
ATOM   169 N  N9    . DG  A 1 9  ? -16.029 -1.291  8.176   1.00 39.44  ? 9   DG  A N9    1 
ATOM   170 C  C8    . DG  A 1 9  ? -15.193 -2.366  8.359   1.00 38.55  ? 9   DG  A C8    1 
ATOM   171 N  N7    . DG  A 1 9  ? -14.433 -2.604  7.323   1.00 39.23  ? 9   DG  A N7    1 
ATOM   172 C  C5    . DG  A 1 9  ? -14.834 -1.668  6.381   1.00 37.99  ? 9   DG  A C5    1 
ATOM   173 C  C6    . DG  A 1 9  ? -14.393 -1.456  5.054   1.00 36.44  ? 9   DG  A C6    1 
ATOM   174 O  O6    . DG  A 1 9  ? -13.534 -2.071  4.427   1.00 36.81  ? 9   DG  A O6    1 
ATOM   175 N  N1    . DG  A 1 9  ? -15.047 -0.381  4.461   1.00 35.60  ? 9   DG  A N1    1 
ATOM   176 C  C2    . DG  A 1 9  ? -16.012 0.382   5.063   1.00 34.78  ? 9   DG  A C2    1 
ATOM   177 N  N2    . DG  A 1 9  ? -16.535 1.365   4.323   1.00 40.00  ? 9   DG  A N2    1 
ATOM   178 N  N3    . DG  A 1 9  ? -16.435 0.193   6.301   1.00 39.93  ? 9   DG  A N3    1 
ATOM   179 C  C4    . DG  A 1 9  ? -15.828 -0.859  6.887   1.00 40.15  ? 9   DG  A C4    1 
ATOM   180 P  P     . DA  A 1 10 ? -20.454 -0.321  12.013  1.00 56.18  ? 10  DA  A P     1 
ATOM   181 O  OP1   . DA  A 1 10 ? -20.126 0.980   12.654  1.00 51.29  ? 10  DA  A OP1   1 
ATOM   182 O  OP2   . DA  A 1 10 ? -20.441 -1.550  12.817  1.00 52.47  ? 10  DA  A OP2   1 
ATOM   183 O  "O5'" . DA  A 1 10 ? -21.833 -0.142  11.248  1.00 54.34  ? 10  DA  A "O5'" 1 
ATOM   184 N  N9    . DA  A 1 10 ? -22.060 -3.839  6.734   1.00 46.39  ? 10  DA  A N9    1 
ATOM   185 C  C8    . DA  A 1 10 ? -21.387 -4.852  7.366   1.00 50.37  ? 10  DA  A C8    1 
ATOM   186 N  N7    . DA  A 1 10 ? -20.570 -5.512  6.583   1.00 50.25  ? 10  DA  A N7    1 
ATOM   187 C  C5    . DA  A 1 10 ? -20.733 -4.905  5.348   1.00 46.77  ? 10  DA  A C5    1 
ATOM   188 C  C6    . DA  A 1 10 ? -20.150 -5.147  4.099   1.00 49.21  ? 10  DA  A C6    1 
ATOM   189 N  N6    . DA  A 1 10 ? -19.254 -6.109  3.877   1.00 53.09  ? 10  DA  A N6    1 
ATOM   190 N  N1    . DA  A 1 10 ? -20.520 -4.356  3.068   1.00 48.66  ? 10  DA  A N1    1 
ATOM   191 C  C2    . DA  A 1 10 ? -21.415 -3.389  3.292   1.00 48.13  ? 10  DA  A C2    1 
ATOM   192 N  N3    . DA  A 1 10 ? -22.032 -3.063  4.426   1.00 59.38  ? 10  DA  A N3    1 
ATOM   193 C  C4    . DA  A 1 10 ? -21.640 -3.868  5.427   1.00 49.34  ? 10  DA  A C4    1 
HETATM 194 C  C53   . RML B 2 .  ? 20.596  -0.835  1.541   1.00 44.20  ? 101 RML A C53   1 
HETATM 195 C  C17   . RML B 2 .  ? 19.426  -1.033  0.576   1.00 45.82  ? 101 RML A C17   1 
HETATM 196 C  C18   . RML B 2 .  ? 19.600  -1.090  -0.769  1.00 43.21  ? 101 RML A C18   1 
HETATM 197 C  C52   . RML B 2 .  ? 20.988  -0.991  -1.359  1.00 48.83  ? 101 RML A C52   1 
HETATM 198 C  C14   . RML B 2 .  ? 18.497  -1.260  -1.608  1.00 43.01  ? 101 RML A C14   1 
HETATM 199 C  C16   . RML B 2 .  ? 18.100  -1.137  1.081   1.00 42.67  ? 101 RML A C16   1 
HETATM 200 C  C15   . RML B 2 .  ? 16.982  -1.297  0.246   1.00 38.90  ? 101 RML A C15   1 
HETATM 201 N  N3    . RML B 2 .  ? 15.764  -1.416  0.770   1.00 38.74  ? 101 RML A N3    1 
HETATM 202 C  C13   . RML B 2 .  ? 17.192  -1.354  -1.114  1.00 39.23  ? 101 RML A C13   1 
HETATM 203 N  N4    . RML B 2 .  ? 16.124  -1.542  -1.915  1.00 38.53  ? 101 RML A N4    1 
HETATM 204 C  C7    . RML B 2 .  ? 14.841  -1.653  -1.358  1.00 36.77  ? 101 RML A C7    1 
HETATM 205 C  C6    . RML B 2 .  ? 14.653  -1.558  0.021   1.00 37.33  ? 101 RML A C6    1 
HETATM 206 C  C5    . RML B 2 .  ? 13.335  -1.712  0.581   1.00 36.49  ? 101 RML A C5    1 
HETATM 207 C  C4    . RML B 2 .  ? 13.187  -1.636  1.938   1.00 37.25  ? 101 RML A C4    1 
HETATM 208 C  C3    . RML B 2 .  ? 11.921  -1.750  2.446   1.00 38.03  ? 101 RML A C3    1 
HETATM 209 C  C2    . RML B 2 .  ? 10.795  -1.920  1.629   1.00 38.92  ? 101 RML A C2    1 
HETATM 210 C  C8    . RML B 2 .  ? 13.687  -1.829  -2.124  1.00 31.99  ? 101 RML A C8    1 
HETATM 211 C  C10   . RML B 2 .  ? 12.349  -1.965  -1.569  1.00 35.72  ? 101 RML A C10   1 
HETATM 212 C  C1    . RML B 2 .  ? 12.165  -1.867  -0.187  1.00 37.27  ? 101 RML A C1    1 
HETATM 213 N  N2    . RML B 2 .  ? 10.813  -2.038  0.256   1.00 36.32  ? 101 RML A N2    1 
HETATM 214 N  N1    . RML B 2 .  ? 11.148  -2.044  -2.253  1.00 37.68  ? 101 RML A N1    1 
HETATM 215 C  C12   . RML B 2 .  ? 11.435  -2.145  -3.614  1.00 40.42  ? 101 RML A C12   1 
HETATM 216 C  C11   . RML B 2 .  ? 12.660  -2.067  -4.181  1.00 36.17  ? 101 RML A C11   1 
HETATM 217 C  C9    . RML B 2 .  ? 13.820  -1.883  -3.475  1.00 37.11  ? 101 RML A C9    1 
HETATM 218 RU RU    . RML B 2 .  ? 9.659   -2.162  -1.089  1.00 39.05  ? 101 RML A RU    1 
HETATM 219 N  N8    . RML B 2 .  ? 8.493   -2.257  -2.475  1.00 36.04  ? 101 RML A N8    1 
HETATM 220 C  C28   . RML B 2 .  ? 7.873   -3.117  -3.270  1.00 41.71  ? 101 RML A C28   1 
HETATM 221 C  C27   . RML B 2 .  ? 7.006   -2.820  -4.319  1.00 35.34  ? 101 RML A C27   1 
HETATM 222 N  N7    . RML B 2 .  ? 6.704   -1.634  -4.679  1.00 32.58  ? 101 RML A N7    1 
HETATM 223 C  C26   . RML B 2 .  ? 8.157   -1.035  -2.923  1.00 33.95  ? 101 RML A C26   1 
HETATM 224 C  C25   . RML B 2 .  ? 7.321   -0.756  -3.915  1.00 31.09  ? 101 RML A C25   1 
HETATM 225 C  C24   . RML B 2 .  ? 7.024   0.514   -4.248  1.00 32.19  ? 101 RML A C24   1 
HETATM 226 C  C23   . RML B 2 .  ? 7.546   1.618   -3.587  1.00 31.23  ? 101 RML A C23   1 
HETATM 227 C  C22   . RML B 2 .  ? 8.405   1.380   -2.558  1.00 35.60  ? 101 RML A C22   1 
HETATM 228 N  N6    . RML B 2 .  ? 8.866   2.474   -1.947  1.00 33.11  ? 101 RML A N6    1 
HETATM 229 C  C19   . RML B 2 .  ? 8.695   0.058   -2.189  1.00 33.95  ? 101 RML A C19   1 
HETATM 230 N  N5    . RML B 2 .  ? 9.542   -0.357  -1.195  1.00 40.85  ? 101 RML A N5    1 
HETATM 231 C  C20   . RML B 2 .  ? 9.985   0.795   -0.615  1.00 42.42  ? 101 RML A C20   1 
HETATM 232 C  C21   . RML B 2 .  ? 9.650   2.108   -0.992  1.00 35.93  ? 101 RML A C21   1 
HETATM 233 N  N12   . RML B 2 .  ? 8.191   -2.324  0.100   1.00 38.73  ? 101 RML A N12   1 
HETATM 234 C  C38   . RML B 2 .  ? 7.364   -1.476  0.760   1.00 41.12  ? 101 RML A C38   1 
HETATM 235 C  C37   . RML B 2 .  ? 6.320   -1.894  1.594   1.00 40.63  ? 101 RML A C37   1 
HETATM 236 N  N11   . RML B 2 .  ? 6.066   -3.166  1.842   1.00 40.02  ? 101 RML A N11   1 
HETATM 237 C  C36   . RML B 2 .  ? 7.876   -3.617  0.418   1.00 42.27  ? 101 RML A C36   1 
HETATM 238 C  C29   . RML B 2 .  ? 8.672   -4.562  -0.252  1.00 45.19  ? 101 RML A C29   1 
HETATM 239 N  N9    . RML B 2 .  ? 9.745   -4.012  -1.000  1.00 39.35  ? 101 RML A N9    1 
HETATM 240 C  C30   . RML B 2 .  ? 10.396  -5.113  -1.622  1.00 44.31  ? 101 RML A C30   1 
HETATM 241 C  C31   . RML B 2 .  ? 10.130  -6.461  -1.301  1.00 38.12  ? 101 RML A C31   1 
HETATM 242 C  C35   . RML B 2 .  ? 6.837   -4.074  1.252   1.00 45.18  ? 101 RML A C35   1 
HETATM 243 C  C34   . RML B 2 .  ? 6.566   -5.433  1.499   1.00 42.61  ? 101 RML A C34   1 
HETATM 244 C  C33   . RML B 2 .  ? 7.385   -6.316  0.882   1.00 47.02  ? 101 RML A C33   1 
HETATM 245 C  C32   . RML B 2 .  ? 8.421   -5.879  0.048   1.00 43.25  ? 101 RML A C32   1 
HETATM 246 N  N10   . RML B 2 .  ? 9.133   -6.843  -0.481  1.00 40.75  ? 101 RML A N10   1 
HETATM 247 C  C53   . RML C 2 .  ? -4.368  1.758   -4.398  0.50 40.05  ? 102 RML A C53   1 
HETATM 248 C  C17   . RML C 2 .  ? -3.697  1.355   -3.091  0.50 38.89  ? 102 RML A C17   1 
HETATM 249 C  C18   . RML C 2 .  ? -3.548  0.067   -2.686  0.50 36.82  ? 102 RML A C18   1 
HETATM 250 C  C52   . RML C 2 .  ? -4.038  -1.136  -3.477  0.50 35.85  ? 102 RML A C52   1 
HETATM 251 C  C14   . RML C 2 .  ? -2.909  -0.167  -1.498  0.50 36.58  ? 102 RML A C14   1 
HETATM 252 C  C16   . RML C 2 .  ? -3.190  2.389   -2.279  0.50 38.07  ? 102 RML A C16   1 
HETATM 253 C  C15   . RML C 2 .  ? -2.523  2.180   -1.069  0.50 37.57  ? 102 RML A C15   1 
HETATM 254 N  N3    . RML C 2 .  ? -2.060  3.204   -0.341  0.50 34.60  ? 102 RML A N3    1 
HETATM 255 C  C13   . RML C 2 .  ? -2.402  0.859   -0.709  0.50 37.63  ? 102 RML A C13   1 
HETATM 256 N  N4    . RML C 2 .  ? -1.790  0.593   0.427   0.50 37.72  ? 102 RML A N4    1 
HETATM 257 C  C7    . RML C 2 .  ? -1.316  1.641   1.181   0.50 36.64  ? 102 RML A C7    1 
HETATM 258 C  C6    . RML C 2 .  ? -1.434  2.966   0.828   0.50 38.46  ? 102 RML A C6    1 
HETATM 259 C  C5    . RML C 2 .  ? -0.912  3.969   1.699   0.50 37.90  ? 102 RML A C5    1 
HETATM 260 C  C4    . RML C 2 .  ? -1.012  5.311   1.357   0.50 39.48  ? 102 RML A C4    1 
HETATM 261 C  C3    . RML C 2 .  ? -0.478  6.245   2.227   0.50 40.63  ? 102 RML A C3    1 
HETATM 262 C  C2    . RML C 2 .  ? 0.146   5.867   3.439   0.50 43.86  ? 102 RML A C2    1 
HETATM 263 C  C8    . RML C 2 .  ? -0.705  1.342   2.367   0.50 40.78  ? 102 RML A C8    1 
HETATM 264 C  C10   . RML C 2 .  ? -0.160  2.345   3.258   0.50 42.04  ? 102 RML A C10   1 
HETATM 265 C  C1    . RML C 2 .  ? -0.259  3.680   2.928   0.50 43.56  ? 102 RML A C1    1 
HETATM 266 N  N2    . RML C 2 .  ? 0.348   4.566   3.846   0.50 47.23  ? 102 RML A N2    1 
HETATM 267 N  N1    . RML C 2 .  ? 0.499   2.124   4.414   0.50 41.84  ? 102 RML A N1    1 
HETATM 268 C  C12   . RML C 2 .  ? 0.481   0.737   4.576   0.50 46.87  ? 102 RML A C12   1 
HETATM 269 C  C11   . RML C 2 .  ? -0.020  -0.259  3.798   0.50 43.87  ? 102 RML A C11   1 
HETATM 270 C  C9    . RML C 2 .  ? -0.649  0.005   2.626   0.50 40.99  ? 102 RML A C9    1 
HETATM 271 RU RU    . RML C 2 .  ? 0.933   3.692   5.389   0.50 48.79  ? 102 RML A RU    1 
HETATM 272 N  N8    . RML C 2 .  ? 1.495   2.737   7.104   1.00 75.47  ? 102 RML A N8    1 
HETATM 273 C  C28   . RML C 2 .  ? 2.483   2.022   7.873   1.00 220.45 ? 102 RML A C28   1 
HETATM 274 C  C27   . RML C 2 .  ? 2.464   1.521   9.229   1.00 99.29  ? 102 RML A C27   1 
HETATM 275 N  N7    . RML C 2 .  ? 1.410   1.602   10.029  1.00 95.08  ? 102 RML A N7    1 
HETATM 276 C  C26   . RML C 2 .  ? 0.415   2.717   8.091   1.00 100.50 ? 102 RML A C26   1 
HETATM 277 C  C25   . RML C 2 .  ? 0.384   2.219   9.417   0.50 92.76  ? 102 RML A C25   1 
HETATM 278 C  C24   . RML C 2 .  ? -0.714  2.319   10.207  0.50 88.04  ? 102 RML A C24   1 
HETATM 279 C  C23   . RML C 2 .  ? -1.861  2.932   9.740   0.50 87.81  ? 102 RML A C23   1 
HETATM 280 C  C22   . RML C 2 .  ? -1.922  3.481   8.444   0.50 83.98  ? 102 RML A C22   1 
HETATM 281 N  N6    . RML C 2 .  ? -3.110  4.071   8.000   0.50 80.04  ? 102 RML A N6    1 
HETATM 282 C  C19   . RML C 2 .  ? -0.784  3.375   7.613   0.50 83.35  ? 102 RML A C19   1 
HETATM 283 N  N5    . RML C 2 .  ? -0.725  3.727   6.229   0.50 65.97  ? 102 RML A N5    1 
HETATM 284 C  C20   . RML C 2 .  ? -1.883  4.443   5.935   0.50 67.49  ? 102 RML A C20   1 
HETATM 285 C  C21   . RML C 2 .  ? -3.030  4.544   6.747   0.50 70.24  ? 102 RML A C21   1 
HETATM 286 N  N12   . RML C 2 .  ? 1.330   5.351   6.390   1.00 67.28  ? 102 RML A N12   1 
HETATM 287 C  C38   . RML C 2 .  ? 0.622   6.141   7.312   1.00 65.13  ? 102 RML A C38   1 
HETATM 288 C  C37   . RML C 2 .  ? 1.117   7.285   7.939   1.00 62.67  ? 102 RML A C37   1 
HETATM 289 N  N11   . RML C 2 .  ? 2.330   7.739   7.669   1.00 67.88  ? 102 RML A N11   1 
HETATM 290 C  C36   . RML C 2 .  ? 2.582   5.871   6.143   1.00 64.09  ? 102 RML A C36   1 
HETATM 291 C  C29   . RML C 2 .  ? 3.330   5.060   5.190   1.00 62.58  ? 102 RML A C29   1 
HETATM 292 N  N9    . RML C 2 .  ? 2.694   3.842   4.551   1.00 62.48  ? 102 RML A N9    1 
HETATM 293 C  C30   . RML C 2 .  ? 3.729   3.328   3.702   1.00 62.18  ? 102 RML A C30   1 
HETATM 294 C  C31   . RML C 2 .  ? 4.997   3.965   3.517   1.00 63.11  ? 102 RML A C31   1 
HETATM 295 C  C35   . RML C 2 .  ? 3.085   7.044   6.767   1.00 65.02  ? 102 RML A C35   1 
HETATM 296 C  C34   . RML C 2 .  ? 4.379   7.514   6.477   1.00 65.80  ? 102 RML A C34   1 
HETATM 297 C  C33   . RML C 2 .  ? 5.092   6.776   5.590   1.00 60.97  ? 102 RML A C33   1 
HETATM 298 C  C32   . RML C 2 .  ? 4.581   5.620   4.975   1.00 57.27  ? 102 RML A C32   1 
HETATM 299 N  N10   . RML C 2 .  ? 5.413   5.075   4.156   1.00 62.93  ? 102 RML A N10   1 
HETATM 300 BA BA    . BA  D 3 .  ? 1.676   2.572   -6.957  1.00 41.45  ? 103 BA  A BA    1 
HETATM 301 O  O     . HOH E 4 .  ? 10.098  -3.680  -6.054  1.00 45.32  ? 201 HOH A O     1 
HETATM 302 O  O     . HOH E 4 .  ? -6.595  -3.807  -3.696  1.00 44.91  ? 202 HOH A O     1 
HETATM 303 O  O     . HOH E 4 .  ? -5.627  -4.566  -14.979 1.00 43.06  ? 203 HOH A O     1 
HETATM 304 O  O     . HOH E 4 .  ? 7.619   -8.569  -13.405 1.00 44.13  ? 204 HOH A O     1 
HETATM 305 O  O     . HOH E 4 .  ? 7.950   -6.349  -3.850  1.00 46.60  ? 205 HOH A O     1 
HETATM 306 O  O     . HOH E 4 .  ? 9.325   -9.098  -3.749  1.00 61.01  ? 206 HOH A O     1 
HETATM 307 O  O     . HOH E 4 .  ? 1.018   -12.285 3.986   1.00 57.20  ? 207 HOH A O     1 
HETATM 308 O  O     . HOH E 4 .  ? 2.178   -8.902  19.631  0.50 37.98  ? 208 HOH A O     1 
HETATM 309 O  O     . HOH E 4 .  ? -4.498  -9.501  3.937   1.00 65.56  ? 209 HOH A O     1 
HETATM 310 O  O     . HOH E 4 .  ? -12.873 -10.494 5.243   1.00 56.39  ? 210 HOH A O     1 
HETATM 311 O  O     . HOH E 4 .  ? 3.861   7.169   -12.670 1.00 45.42  ? 211 HOH A O     1 
HETATM 312 O  O     . HOH E 4 .  ? 0.654   2.040   -15.763 1.00 55.59  ? 212 HOH A O     1 
# 
